data_6XB4
#
_entry.id   6XB4
#
_cell.length_a   77.470
_cell.length_b   58.140
_cell.length_c   100.698
_cell.angle_alpha   90.000
_cell.angle_beta   108.548
_cell.angle_gamma   90.000
#
_symmetry.space_group_name_H-M   'P 1 21 1'
#
loop_
_entity.id
_entity.type
_entity.pdbx_description
1 polymer Poxin
2 non-polymer "2',5'-GpAp"
3 water water
#
_entity_poly.entity_id   1
_entity_poly.type   'polypeptide(L)'
_entity_poly.pdbx_seq_one_letter_code
;SMESLAPFGYNKVSFKQTHHHYCGFYSLNILANIIDNVVVVNGKQYPVSDETAIDWAYDGVDTIVCEKRLVYTEREWPLH
TPIYNINNQIVGLVTHGVQLSSQEYCYAVQDGFNLYNNHLTGMNLIVREKKKLIAYADREFDNKSELQIYIEETQKKNCN
ILGYGAILYHVNKKNAQLILHNNGLQISNSRLRKNVFGNI
;
_entity_poly.pdbx_strand_id   A,B,C,D
#
loop_
_chem_comp.id
_chem_comp.type
_chem_comp.name
_chem_comp.formula
9BG non-polymer 2',5'-GpAp 'C20 H26 N10 O14 P2'
#
# COMPACT_ATOMS: atom_id res chain seq x y z
N MET A 2 -32.54 3.44 -9.33
CA MET A 2 -31.15 3.81 -9.07
C MET A 2 -30.23 2.59 -9.15
N GLU A 3 -29.38 2.56 -10.17
CA GLU A 3 -28.33 1.57 -10.29
C GLU A 3 -27.06 2.13 -9.66
N SER A 4 -26.59 1.50 -8.58
CA SER A 4 -25.49 2.06 -7.82
C SER A 4 -24.12 1.71 -8.38
N LEU A 5 -24.01 0.63 -9.17
CA LEU A 5 -22.71 0.19 -9.69
C LEU A 5 -22.98 -0.46 -11.05
N ALA A 6 -22.80 0.32 -12.12
CA ALA A 6 -23.20 -0.12 -13.44
C ALA A 6 -22.05 -0.01 -14.43
N PRO A 7 -21.88 -1.00 -15.30
CA PRO A 7 -20.80 -0.94 -16.30
C PRO A 7 -21.08 0.11 -17.36
N PHE A 8 -20.00 0.58 -17.99
CA PHE A 8 -20.12 1.53 -19.09
C PHE A 8 -20.95 0.94 -20.22
N GLY A 9 -21.73 1.79 -20.89
CA GLY A 9 -22.39 1.35 -22.10
C GLY A 9 -23.87 1.64 -22.23
N TYR A 10 -24.51 2.23 -21.22
CA TYR A 10 -25.93 2.53 -21.34
C TYR A 10 -26.32 3.63 -20.36
N ASN A 11 -27.23 4.51 -20.81
CA ASN A 11 -27.81 5.56 -19.98
C ASN A 11 -26.74 6.45 -19.35
N LYS A 12 -25.71 6.78 -20.13
CA LYS A 12 -24.58 7.52 -19.59
C LYS A 12 -24.98 8.90 -19.11
N VAL A 13 -26.03 9.49 -19.69
CA VAL A 13 -26.43 10.84 -19.31
C VAL A 13 -26.77 10.91 -17.83
N SER A 14 -27.52 9.93 -17.34
CA SER A 14 -27.88 9.92 -15.92
C SER A 14 -26.67 9.63 -15.04
N PHE A 15 -25.86 8.62 -15.42
CA PHE A 15 -24.77 8.19 -14.57
C PHE A 15 -23.70 9.27 -14.43
N LYS A 16 -23.38 9.96 -15.53
CA LYS A 16 -22.24 10.88 -15.54
C LYS A 16 -22.43 12.07 -14.62
N GLN A 17 -23.67 12.46 -14.32
CA GLN A 17 -23.91 13.58 -13.43
C GLN A 17 -23.90 13.17 -11.95
N THR A 18 -24.15 11.90 -11.66
CA THR A 18 -24.38 11.46 -10.29
C THR A 18 -23.37 10.44 -9.77
N HIS A 19 -22.65 9.74 -10.64
CA HIS A 19 -21.80 8.63 -10.25
C HIS A 19 -20.33 8.96 -10.46
N HIS A 20 -19.48 8.33 -9.64
CA HIS A 20 -18.04 8.41 -9.83
C HIS A 20 -17.63 7.58 -11.04
N HIS A 21 -16.63 8.07 -11.77
CA HIS A 21 -16.14 7.40 -12.98
C HIS A 21 -14.98 6.49 -12.62
N TYR A 22 -15.25 5.19 -12.47
CA TYR A 22 -14.18 4.22 -12.40
C TYR A 22 -13.82 3.76 -13.81
N CYS A 23 -12.73 3.01 -13.94
CA CYS A 23 -12.26 2.59 -15.25
C CYS A 23 -13.09 1.38 -15.71
N GLY A 24 -14.24 1.67 -16.30
CA GLY A 24 -15.13 0.66 -16.82
C GLY A 24 -16.51 0.61 -16.20
N PHE A 25 -16.77 1.33 -15.12
CA PHE A 25 -18.09 1.31 -14.50
C PHE A 25 -18.32 2.58 -13.70
N TYR A 26 -19.59 2.91 -13.50
CA TYR A 26 -20.02 4.03 -12.67
C TYR A 26 -20.40 3.53 -11.28
N SER A 27 -20.04 4.29 -10.25
CA SER A 27 -20.34 3.92 -8.87
C SER A 27 -20.92 5.11 -8.13
N LEU A 28 -22.07 4.89 -7.47
CA LEU A 28 -22.69 5.96 -6.70
C LEU A 28 -21.81 6.39 -5.53
N ASN A 29 -21.22 5.42 -4.84
CA ASN A 29 -20.35 5.68 -3.71
C ASN A 29 -18.90 5.39 -4.08
N ILE A 30 -17.98 5.93 -3.28
CA ILE A 30 -16.57 5.58 -3.41
C ILE A 30 -16.39 4.13 -2.98
N LEU A 31 -15.72 3.34 -3.82
CA LEU A 31 -15.64 1.90 -3.57
C LEU A 31 -14.49 1.57 -2.63
N ALA A 32 -14.61 0.43 -1.98
CA ALA A 32 -13.60 -0.03 -1.04
C ALA A 32 -12.31 -0.38 -1.76
N ASN A 33 -11.23 -0.47 -1.00
CA ASN A 33 -9.92 -0.83 -1.53
C ASN A 33 -9.69 -2.33 -1.41
N ILE A 34 -8.68 -2.80 -2.14
CA ILE A 34 -8.21 -4.17 -1.99
C ILE A 34 -7.42 -4.28 -0.69
N ILE A 35 -7.82 -5.21 0.17
CA ILE A 35 -7.20 -5.41 1.48
C ILE A 35 -6.34 -6.67 1.43
N ASP A 36 -5.08 -6.54 1.84
CA ASP A 36 -4.17 -7.67 1.99
C ASP A 36 -3.94 -8.40 0.67
N ASN A 37 -3.96 -7.68 -0.44
CA ASN A 37 -3.61 -8.23 -1.75
C ASN A 37 -4.48 -9.42 -2.13
N VAL A 38 -5.78 -9.32 -1.86
CA VAL A 38 -6.73 -10.39 -2.17
C VAL A 38 -8.01 -9.77 -2.72
N VAL A 39 -8.55 -10.36 -3.77
CA VAL A 39 -9.89 -10.05 -4.25
C VAL A 39 -10.71 -11.33 -4.25
N VAL A 40 -12.02 -11.18 -4.16
CA VAL A 40 -12.96 -12.29 -4.09
C VAL A 40 -13.92 -12.19 -5.27
N VAL A 41 -13.94 -13.22 -6.11
CA VAL A 41 -14.81 -13.27 -7.28
C VAL A 41 -15.55 -14.60 -7.26
N ASN A 42 -16.88 -14.53 -7.23
CA ASN A 42 -17.74 -15.72 -7.19
C ASN A 42 -17.38 -16.63 -6.03
N GLY A 43 -17.15 -16.04 -4.86
CA GLY A 43 -16.88 -16.78 -3.65
C GLY A 43 -15.46 -17.31 -3.49
N LYS A 44 -14.58 -17.10 -4.47
CA LYS A 44 -13.22 -17.62 -4.39
C LYS A 44 -12.23 -16.48 -4.19
N GLN A 45 -11.27 -16.68 -3.28
CA GLN A 45 -10.23 -15.70 -3.04
C GLN A 45 -9.11 -15.85 -4.06
N TYR A 46 -8.65 -14.71 -4.58
CA TYR A 46 -7.58 -14.67 -5.56
C TYR A 46 -6.48 -13.74 -5.05
N PRO A 47 -5.26 -14.24 -4.82
CA PRO A 47 -4.16 -13.33 -4.49
C PRO A 47 -3.88 -12.36 -5.63
N VAL A 48 -3.61 -11.11 -5.28
CA VAL A 48 -3.33 -10.04 -6.23
C VAL A 48 -1.81 -9.90 -6.33
N SER A 49 -1.29 -9.86 -7.56
CA SER A 49 0.14 -9.80 -7.74
C SER A 49 0.67 -8.41 -7.38
N ASP A 50 2.00 -8.28 -7.41
CA ASP A 50 2.65 -7.00 -7.23
C ASP A 50 2.86 -6.25 -8.53
N GLU A 51 2.23 -6.70 -9.62
CA GLU A 51 2.35 -6.09 -10.94
C GLU A 51 1.18 -5.15 -11.19
N THR A 52 1.47 -4.07 -11.92
CA THR A 52 0.45 -3.14 -12.38
C THR A 52 0.58 -2.94 -13.89
N ALA A 53 -0.47 -2.40 -14.48
CA ALA A 53 -0.48 -2.09 -15.90
C ALA A 53 -1.49 -0.99 -16.17
N ILE A 54 -1.26 -0.25 -17.25
CA ILE A 54 -2.17 0.82 -17.65
C ILE A 54 -3.33 0.23 -18.44
N ASP A 55 -4.55 0.55 -18.04
CA ASP A 55 -5.78 0.12 -18.70
C ASP A 55 -6.60 1.37 -19.03
N TRP A 56 -7.67 1.19 -19.81
CA TRP A 56 -8.50 2.31 -20.21
C TRP A 56 -9.90 1.81 -20.51
N ALA A 57 -10.86 2.73 -20.46
CA ALA A 57 -12.25 2.41 -20.76
C ALA A 57 -12.96 3.65 -21.30
N TYR A 58 -13.64 3.49 -22.44
CA TYR A 58 -14.42 4.54 -23.07
C TYR A 58 -15.88 4.37 -22.66
N ASP A 59 -16.47 5.44 -22.10
CA ASP A 59 -17.86 5.36 -21.66
C ASP A 59 -18.84 5.89 -22.72
N GLY A 60 -18.34 6.23 -23.90
CA GLY A 60 -19.17 6.80 -24.95
C GLY A 60 -18.91 8.26 -25.22
N VAL A 61 -18.16 8.94 -24.36
CA VAL A 61 -17.78 10.33 -24.61
C VAL A 61 -16.41 10.61 -23.98
N ASP A 62 -16.17 10.06 -22.79
CA ASP A 62 -14.90 10.24 -22.08
C ASP A 62 -14.13 8.93 -22.03
N THR A 63 -12.82 9.03 -21.90
CA THR A 63 -11.96 7.87 -21.67
C THR A 63 -11.34 7.98 -20.28
N ILE A 64 -11.45 6.91 -19.51
CA ILE A 64 -10.82 6.82 -18.20
C ILE A 64 -9.57 5.97 -18.34
N VAL A 65 -8.42 6.54 -17.98
CA VAL A 65 -7.16 5.82 -17.99
C VAL A 65 -6.75 5.58 -16.55
N CYS A 66 -6.29 4.35 -16.26
CA CYS A 66 -6.13 3.93 -14.88
C CYS A 66 -5.06 2.86 -14.78
N GLU A 67 -4.13 3.05 -13.83
CA GLU A 67 -3.18 2.01 -13.49
C GLU A 67 -3.89 0.97 -12.61
N LYS A 68 -3.92 -0.27 -13.06
CA LYS A 68 -4.64 -1.33 -12.38
C LYS A 68 -3.68 -2.40 -11.88
N ARG A 69 -4.12 -3.16 -10.88
CA ARG A 69 -3.34 -4.26 -10.34
C ARG A 69 -3.71 -5.57 -11.02
N LEU A 70 -2.70 -6.37 -11.34
CA LEU A 70 -2.91 -7.60 -12.10
C LEU A 70 -3.25 -8.77 -11.19
N VAL A 71 -4.27 -9.53 -11.56
CA VAL A 71 -4.68 -10.73 -10.84
C VAL A 71 -4.64 -11.89 -11.81
N TYR A 72 -3.82 -12.89 -11.50
CA TYR A 72 -3.72 -14.10 -12.32
C TYR A 72 -4.65 -15.18 -11.79
N THR A 73 -5.32 -15.87 -12.70
CA THR A 73 -6.35 -16.82 -12.32
C THR A 73 -6.37 -17.98 -13.32
N GLU A 74 -6.61 -19.19 -12.81
CA GLU A 74 -6.79 -20.36 -13.65
C GLU A 74 -8.24 -20.53 -14.08
N ARG A 75 -9.11 -19.60 -13.70
CA ARG A 75 -10.54 -19.66 -13.98
C ARG A 75 -10.97 -18.34 -14.61
N GLU A 76 -11.77 -18.42 -15.66
CA GLU A 76 -12.24 -17.23 -16.35
C GLU A 76 -13.27 -16.48 -15.51
N TRP A 77 -13.15 -15.16 -15.46
CA TRP A 77 -14.11 -14.32 -14.75
C TRP A 77 -15.13 -13.77 -15.74
N PRO A 78 -16.42 -14.07 -15.60
CA PRO A 78 -17.41 -13.50 -16.51
C PRO A 78 -17.45 -11.98 -16.39
N LEU A 79 -17.63 -11.32 -17.54
CA LEU A 79 -17.77 -9.88 -17.56
C LEU A 79 -18.90 -9.44 -16.64
N HIS A 80 -18.70 -8.31 -15.95
CA HIS A 80 -19.63 -7.63 -15.05
C HIS A 80 -19.80 -8.33 -13.69
N THR A 81 -19.12 -9.44 -13.45
CA THR A 81 -19.20 -10.09 -12.15
C THR A 81 -18.69 -9.15 -11.06
N PRO A 82 -19.40 -9.00 -9.94
CA PRO A 82 -18.90 -8.14 -8.87
C PRO A 82 -17.61 -8.68 -8.26
N ILE A 83 -16.75 -7.76 -7.85
CA ILE A 83 -15.49 -8.08 -7.17
C ILE A 83 -15.57 -7.54 -5.75
N TYR A 84 -15.19 -8.37 -4.78
CA TYR A 84 -15.22 -7.98 -3.37
C TYR A 84 -13.82 -8.07 -2.77
N ASN A 85 -13.65 -7.39 -1.65
CA ASN A 85 -12.45 -7.58 -0.84
C ASN A 85 -12.76 -8.60 0.26
N ILE A 86 -11.78 -8.85 1.14
CA ILE A 86 -11.94 -9.89 2.16
C ILE A 86 -12.90 -9.49 3.26
N ASN A 87 -13.37 -8.24 3.26
CA ASN A 87 -14.43 -7.81 4.16
C ASN A 87 -15.81 -7.88 3.51
N ASN A 88 -15.90 -8.51 2.33
CA ASN A 88 -17.15 -8.65 1.59
C ASN A 88 -17.69 -7.29 1.14
N GLN A 89 -16.80 -6.31 1.00
CA GLN A 89 -17.14 -5.00 0.50
C GLN A 89 -16.85 -4.94 -0.99
N ILE A 90 -17.78 -4.39 -1.76
CA ILE A 90 -17.63 -4.41 -3.21
C ILE A 90 -16.53 -3.43 -3.62
N VAL A 91 -15.64 -3.88 -4.50
CA VAL A 91 -14.55 -3.05 -4.99
C VAL A 91 -14.68 -2.71 -6.46
N GLY A 92 -15.53 -3.40 -7.19
CA GLY A 92 -15.75 -3.09 -8.59
C GLY A 92 -16.47 -4.21 -9.30
N LEU A 93 -16.42 -4.15 -10.63
CA LEU A 93 -16.97 -5.16 -11.50
C LEU A 93 -15.86 -5.71 -12.40
N VAL A 94 -15.96 -7.00 -12.73
CA VAL A 94 -14.98 -7.60 -13.63
C VAL A 94 -15.06 -6.92 -14.99
N THR A 95 -13.91 -6.56 -15.54
CA THR A 95 -13.76 -6.05 -16.90
C THR A 95 -13.03 -7.11 -17.74
N HIS A 96 -12.78 -6.77 -19.00
CA HIS A 96 -12.18 -7.73 -19.92
C HIS A 96 -10.77 -8.10 -19.48
N GLY A 97 -10.46 -9.39 -19.51
CA GLY A 97 -9.14 -9.88 -19.21
C GLY A 97 -8.41 -10.36 -20.46
N VAL A 98 -7.32 -11.08 -20.22
CA VAL A 98 -6.55 -11.69 -21.29
C VAL A 98 -6.27 -13.14 -20.90
N GLN A 99 -6.08 -13.98 -21.91
CA GLN A 99 -5.75 -15.38 -21.70
C GLN A 99 -4.29 -15.61 -22.06
N LEU A 100 -3.51 -16.06 -21.08
CA LEU A 100 -2.09 -16.33 -21.33
C LEU A 100 -1.83 -17.76 -21.77
N SER A 101 -2.61 -18.72 -21.26
CA SER A 101 -2.44 -20.10 -21.66
C SER A 101 -3.79 -20.77 -21.67
N SER A 102 -3.82 -22.04 -22.08
CA SER A 102 -5.05 -22.82 -22.08
C SER A 102 -5.69 -22.84 -20.68
N GLN A 103 -4.88 -22.69 -19.63
CA GLN A 103 -5.35 -22.78 -18.25
C GLN A 103 -5.06 -21.53 -17.44
N GLU A 104 -4.70 -20.42 -18.08
CA GLU A 104 -4.26 -19.26 -17.32
C GLU A 104 -4.82 -17.97 -17.91
N TYR A 105 -5.37 -17.13 -17.02
CA TYR A 105 -5.95 -15.84 -17.38
C TYR A 105 -5.36 -14.76 -16.50
N CYS A 106 -5.53 -13.51 -16.93
CA CYS A 106 -5.08 -12.36 -16.15
C CYS A 106 -6.11 -11.25 -16.28
N TYR A 107 -6.49 -10.67 -15.15
CA TYR A 107 -7.41 -9.55 -15.12
C TYR A 107 -6.74 -8.36 -14.44
N ALA A 108 -7.18 -7.17 -14.81
CA ALA A 108 -6.69 -5.92 -14.24
C ALA A 108 -7.79 -5.34 -13.37
N VAL A 109 -7.49 -5.09 -12.10
CA VAL A 109 -8.48 -4.65 -11.12
C VAL A 109 -8.03 -3.32 -10.54
N GLN A 110 -8.91 -2.33 -10.62
CA GLN A 110 -8.64 -1.01 -10.03
C GLN A 110 -8.73 -1.08 -8.52
N ASP A 111 -7.72 -0.53 -7.84
CA ASP A 111 -7.68 -0.52 -6.37
C ASP A 111 -8.17 0.85 -5.91
N GLY A 112 -9.49 1.03 -5.93
CA GLY A 112 -10.06 2.31 -5.59
C GLY A 112 -9.42 3.43 -6.40
N PHE A 113 -9.16 4.55 -5.74
CA PHE A 113 -8.46 5.67 -6.36
C PHE A 113 -7.05 5.82 -5.78
N ASN A 114 -6.40 4.68 -5.50
CA ASN A 114 -5.07 4.69 -4.89
C ASN A 114 -3.95 4.92 -5.89
N LEU A 115 -4.14 4.52 -7.15
CA LEU A 115 -3.09 4.58 -8.16
C LEU A 115 -3.46 5.59 -9.24
N TYR A 116 -2.53 5.76 -10.19
CA TYR A 116 -2.69 6.72 -11.28
C TYR A 116 -4.06 6.61 -11.94
N ASN A 117 -4.72 7.75 -12.12
CA ASN A 117 -6.01 7.83 -12.77
C ASN A 117 -6.04 9.09 -13.62
N ASN A 118 -6.43 8.96 -14.88
CA ASN A 118 -6.51 10.10 -15.80
C ASN A 118 -7.85 10.07 -16.51
N HIS A 119 -8.62 11.14 -16.33
CA HIS A 119 -9.94 11.28 -16.93
C HIS A 119 -9.79 12.17 -18.17
N LEU A 120 -10.03 11.59 -19.35
CA LEU A 120 -9.90 12.29 -20.61
C LEU A 120 -11.28 12.71 -21.09
N THR A 121 -11.51 14.02 -21.19
CA THR A 121 -12.83 14.56 -21.49
C THR A 121 -13.04 14.67 -22.99
N GLY A 122 -14.13 14.06 -23.47
CA GLY A 122 -14.52 14.22 -24.86
C GLY A 122 -13.57 13.58 -25.86
N MET A 123 -12.93 12.48 -25.48
CA MET A 123 -11.91 11.84 -26.31
C MET A 123 -12.08 10.33 -26.24
N ASN A 124 -11.79 9.67 -27.36
CA ASN A 124 -11.83 8.22 -27.47
C ASN A 124 -10.38 7.76 -27.69
N LEU A 125 -9.80 7.12 -26.67
CA LEU A 125 -8.39 6.77 -26.71
C LEU A 125 -8.12 5.68 -27.74
N ILE A 126 -7.05 5.84 -28.49
CA ILE A 126 -6.57 4.85 -29.45
C ILE A 126 -5.24 4.31 -28.93
N VAL A 127 -5.06 2.99 -29.01
CA VAL A 127 -3.85 2.33 -28.54
C VAL A 127 -3.07 1.87 -29.77
N ARG A 128 -1.78 2.21 -29.80
CA ARG A 128 -0.94 2.01 -30.97
C ARG A 128 0.45 1.57 -30.55
N GLU A 129 0.99 0.58 -31.27
CA GLU A 129 2.38 0.20 -31.05
C GLU A 129 3.30 1.26 -31.65
N LYS A 130 4.25 1.74 -30.86
CA LYS A 130 5.11 2.83 -31.30
C LYS A 130 6.15 2.30 -32.27
N LYS A 131 6.33 3.00 -33.39
CA LYS A 131 7.18 2.52 -34.46
C LYS A 131 8.31 3.46 -34.83
N LYS A 132 8.34 4.69 -34.31
CA LYS A 132 9.42 5.62 -34.57
C LYS A 132 9.86 6.28 -33.27
N LEU A 133 10.98 7.01 -33.35
CA LEU A 133 11.63 7.54 -32.15
C LEU A 133 10.80 8.64 -31.47
N ILE A 134 10.06 9.44 -32.24
CA ILE A 134 9.40 10.63 -31.73
C ILE A 134 7.91 10.53 -32.00
N ALA A 135 7.11 10.73 -30.97
CA ALA A 135 5.67 10.88 -31.11
C ALA A 135 5.32 12.35 -30.90
N TYR A 136 4.53 12.90 -31.82
CA TYR A 136 4.13 14.31 -31.77
C TYR A 136 2.82 14.46 -32.51
N ALA A 137 1.86 15.14 -31.88
CA ALA A 137 0.48 15.27 -32.38
C ALA A 137 -0.03 13.86 -32.67
N ASP A 138 -0.63 13.59 -33.83
CA ASP A 138 -1.06 12.25 -34.20
C ASP A 138 -0.06 11.54 -35.11
N ARG A 139 1.17 12.05 -35.18
CA ARG A 139 2.18 11.54 -36.09
C ARG A 139 3.35 10.96 -35.33
N GLU A 140 4.24 10.29 -36.07
CA GLU A 140 5.49 9.77 -35.57
C GLU A 140 6.62 10.21 -36.49
N PHE A 141 7.80 10.45 -35.92
CA PHE A 141 8.93 10.97 -36.67
C PHE A 141 10.21 10.27 -36.28
N ASP A 142 11.10 10.07 -37.25
CA ASP A 142 12.38 9.43 -36.99
C ASP A 142 13.38 10.36 -36.33
N ASN A 143 13.21 11.68 -36.50
CA ASN A 143 14.17 12.64 -35.97
C ASN A 143 13.53 14.00 -35.90
N LYS A 144 14.23 14.95 -35.29
CA LYS A 144 13.68 16.28 -35.06
C LYS A 144 13.64 17.13 -36.31
N SER A 145 14.43 16.80 -37.34
CA SER A 145 14.34 17.53 -38.59
C SER A 145 13.03 17.24 -39.31
N GLU A 146 12.61 15.97 -39.33
CA GLU A 146 11.29 15.63 -39.86
C GLU A 146 10.20 16.28 -39.02
N LEU A 147 10.35 16.25 -37.69
CA LEU A 147 9.39 16.89 -36.82
C LEU A 147 9.30 18.38 -37.11
N GLN A 148 10.45 19.05 -37.26
CA GLN A 148 10.42 20.49 -37.51
C GLN A 148 9.74 20.81 -38.84
N ILE A 149 9.89 19.94 -39.85
CA ILE A 149 9.18 20.13 -41.11
C ILE A 149 7.68 20.06 -40.89
N TYR A 150 7.21 19.08 -40.11
CA TYR A 150 5.77 18.97 -39.85
C TYR A 150 5.26 20.19 -39.10
N ILE A 151 6.01 20.65 -38.10
CA ILE A 151 5.61 21.83 -37.32
C ILE A 151 5.50 23.04 -38.23
N GLU A 152 6.53 23.28 -39.04
CA GLU A 152 6.55 24.48 -39.88
C GLU A 152 5.49 24.41 -40.96
N GLU A 153 5.27 23.23 -41.55
CA GLU A 153 4.24 23.12 -42.58
C GLU A 153 2.85 23.29 -42.00
N THR A 154 2.63 22.74 -40.80
CA THR A 154 1.35 22.94 -40.12
C THR A 154 1.15 24.40 -39.74
N GLN A 155 2.24 25.10 -39.39
CA GLN A 155 2.14 26.54 -39.14
C GLN A 155 1.74 27.29 -40.40
N LYS A 156 2.26 26.89 -41.56
CA LYS A 156 1.92 27.57 -42.80
C LYS A 156 0.48 27.27 -43.21
N LYS A 157 0.08 26.00 -43.13
CA LYS A 157 -1.25 25.57 -43.55
C LYS A 157 -1.67 24.39 -42.68
N ASN A 158 -2.80 24.52 -42.01
CA ASN A 158 -3.32 23.46 -41.13
C ASN A 158 -4.79 23.23 -41.46
N CYS A 159 -5.06 22.11 -42.13
CA CYS A 159 -6.42 21.72 -42.51
C CYS A 159 -7.01 20.68 -41.56
N ASN A 160 -6.31 20.34 -40.49
CA ASN A 160 -6.77 19.31 -39.57
C ASN A 160 -7.85 19.88 -38.66
N ILE A 161 -9.08 19.39 -38.83
CA ILE A 161 -10.18 19.78 -37.95
C ILE A 161 -10.78 18.53 -37.32
N LEU A 162 -9.93 17.54 -37.04
CA LEU A 162 -10.39 16.28 -36.46
C LEU A 162 -10.63 16.36 -34.95
N GLY A 163 -10.32 17.49 -34.32
CA GLY A 163 -10.65 17.67 -32.91
C GLY A 163 -9.60 17.09 -31.98
N TYR A 164 -10.03 16.84 -30.74
CA TYR A 164 -9.13 16.31 -29.72
C TYR A 164 -8.97 14.80 -29.87
N GLY A 165 -7.74 14.33 -29.68
CA GLY A 165 -7.45 12.92 -29.73
C GLY A 165 -6.50 12.52 -28.64
N ALA A 166 -6.46 11.22 -28.38
CA ALA A 166 -5.58 10.64 -27.37
C ALA A 166 -5.03 9.32 -27.91
N ILE A 167 -3.71 9.14 -27.80
CA ILE A 167 -3.05 7.93 -28.28
C ILE A 167 -2.23 7.36 -27.14
N LEU A 168 -2.42 6.07 -26.85
CA LEU A 168 -1.61 5.36 -25.87
C LEU A 168 -0.60 4.51 -26.62
N TYR A 169 0.67 4.93 -26.56
CA TYR A 169 1.76 4.24 -27.25
C TYR A 169 2.41 3.22 -26.34
N HIS A 170 2.91 2.15 -26.96
CA HIS A 170 3.61 1.10 -26.25
C HIS A 170 4.59 0.43 -27.20
N VAL A 171 5.60 -0.22 -26.64
CA VAL A 171 6.55 -1.04 -27.39
C VAL A 171 6.46 -2.45 -26.83
N ASN A 172 5.83 -3.36 -27.59
CA ASN A 172 5.56 -4.72 -27.15
C ASN A 172 4.90 -4.73 -25.77
N LYS A 173 3.88 -3.88 -25.63
CA LYS A 173 3.08 -3.67 -24.42
C LYS A 173 3.86 -3.00 -23.30
N LYS A 174 5.06 -2.49 -23.56
CA LYS A 174 5.85 -1.81 -22.54
C LYS A 174 5.89 -0.31 -22.81
N ASN A 175 6.36 0.43 -21.80
CA ASN A 175 6.64 1.86 -21.93
C ASN A 175 5.39 2.66 -22.31
N ALA A 176 4.34 2.50 -21.50
CA ALA A 176 3.10 3.25 -21.72
C ALA A 176 3.38 4.73 -21.88
N GLN A 177 2.85 5.30 -22.97
CA GLN A 177 3.07 6.70 -23.30
C GLN A 177 1.77 7.28 -23.83
N LEU A 178 1.27 8.33 -23.16
CA LEU A 178 -0.01 8.93 -23.49
C LEU A 178 0.20 10.25 -24.22
N ILE A 179 -0.28 10.35 -25.45
CA ILE A 179 -0.15 11.53 -26.27
C ILE A 179 -1.53 12.16 -26.42
N LEU A 180 -1.67 13.41 -26.00
CA LEU A 180 -2.87 14.20 -26.23
C LEU A 180 -2.59 15.23 -27.31
N HIS A 181 -3.54 15.39 -28.23
CA HIS A 181 -3.36 16.27 -29.38
C HIS A 181 -4.71 16.85 -29.76
N ASN A 182 -4.68 17.87 -30.62
CA ASN A 182 -5.91 18.52 -31.06
C ASN A 182 -5.61 19.23 -32.38
N ASN A 183 -6.39 18.92 -33.42
CA ASN A 183 -6.34 19.63 -34.70
C ASN A 183 -4.91 19.75 -35.23
N GLY A 184 -4.15 18.66 -35.17
CA GLY A 184 -2.79 18.64 -35.65
C GLY A 184 -1.77 19.27 -34.74
N LEU A 185 -2.16 19.71 -33.55
CA LEU A 185 -1.26 20.32 -32.57
C LEU A 185 -0.96 19.33 -31.45
N GLN A 186 0.25 19.44 -30.90
CA GLN A 186 0.64 18.61 -29.76
C GLN A 186 0.28 19.31 -28.46
N ILE A 187 -0.26 18.54 -27.51
CA ILE A 187 -0.67 19.07 -26.21
C ILE A 187 0.21 18.53 -25.07
N SER A 188 0.19 17.22 -24.85
CA SER A 188 0.91 16.64 -23.73
C SER A 188 1.45 15.27 -24.09
N ASN A 189 2.57 14.92 -23.45
CA ASN A 189 3.29 13.68 -23.73
C ASN A 189 3.69 13.10 -22.36
N SER A 190 2.86 12.19 -21.85
CA SER A 190 3.07 11.59 -20.54
C SER A 190 3.80 10.26 -20.69
N ARG A 191 4.93 10.12 -19.98
CA ARG A 191 5.66 8.86 -19.92
C ARG A 191 5.26 8.16 -18.62
N LEU A 192 4.46 7.10 -18.73
CA LEU A 192 3.90 6.43 -17.56
C LEU A 192 4.75 5.25 -17.08
N ARG A 193 5.66 4.76 -17.90
CA ARG A 193 6.70 3.78 -17.52
C ARG A 193 6.13 2.40 -17.20
N LYS A 194 4.81 2.24 -17.26
CA LYS A 194 4.17 0.96 -16.95
C LYS A 194 3.85 0.20 -18.22
N ASN A 195 3.60 -1.10 -18.07
CA ASN A 195 3.09 -1.87 -19.19
C ASN A 195 1.65 -1.45 -19.49
N VAL A 196 1.20 -1.79 -20.71
CA VAL A 196 -0.17 -1.56 -21.14
C VAL A 196 -0.89 -2.90 -21.16
N PHE A 197 -2.06 -2.94 -20.52
CA PHE A 197 -2.83 -4.18 -20.40
C PHE A 197 -3.73 -4.40 -21.61
N GLY A 198 -3.90 -5.65 -21.99
CA GLY A 198 -4.92 -6.04 -22.95
C GLY A 198 -4.35 -6.79 -24.13
N ASN A 199 -5.24 -7.07 -25.08
CA ASN A 199 -4.87 -7.76 -26.32
C ASN A 199 -4.41 -6.72 -27.33
N ILE A 200 -3.14 -6.36 -27.23
CA ILE A 200 -2.58 -5.30 -28.06
C ILE A 200 -1.30 -5.78 -28.75
N SER B 1 26.75 20.33 -30.99
CA SER B 1 26.70 21.55 -30.18
C SER B 1 27.90 21.64 -29.25
N MET B 2 28.28 22.88 -28.90
CA MET B 2 29.37 23.11 -27.98
C MET B 2 28.93 23.15 -26.53
N GLU B 3 27.63 23.31 -26.27
CA GLU B 3 27.10 23.33 -24.91
C GLU B 3 26.35 22.01 -24.69
N SER B 4 26.98 21.09 -23.97
CA SER B 4 26.43 19.75 -23.80
C SER B 4 25.21 19.75 -22.89
N LEU B 5 25.34 20.32 -21.70
CA LEU B 5 24.22 20.49 -20.78
C LEU B 5 24.03 21.98 -20.55
N ALA B 6 22.83 22.47 -20.83
CA ALA B 6 22.53 23.90 -20.81
C ALA B 6 21.25 24.13 -20.04
N PRO B 7 21.28 24.86 -18.93
CA PRO B 7 20.04 25.16 -18.19
C PRO B 7 19.06 25.93 -19.07
N PHE B 8 17.77 25.78 -18.74
CA PHE B 8 16.71 26.43 -19.49
C PHE B 8 16.90 27.94 -19.50
N GLY B 9 16.44 28.57 -20.58
CA GLY B 9 16.44 30.01 -20.69
C GLY B 9 15.63 30.46 -21.89
N TYR B 10 15.03 31.65 -21.83
CA TYR B 10 14.23 32.14 -22.95
C TYR B 10 15.03 32.16 -24.24
N ASN B 11 16.29 32.61 -24.18
CA ASN B 11 17.09 32.73 -25.39
C ASN B 11 17.73 31.42 -25.83
N LYS B 12 17.40 30.31 -25.17
CA LYS B 12 17.96 29.02 -25.52
C LYS B 12 16.95 28.12 -26.23
N VAL B 13 15.87 28.70 -26.74
CA VAL B 13 14.80 27.92 -27.36
C VAL B 13 15.29 27.20 -28.62
N SER B 14 16.33 27.69 -29.29
CA SER B 14 16.87 26.97 -30.43
C SER B 14 17.46 25.62 -30.06
N PHE B 15 17.79 25.42 -28.77
CA PHE B 15 18.31 24.12 -28.31
C PHE B 15 17.28 23.01 -28.40
N LYS B 16 15.98 23.35 -28.50
CA LYS B 16 14.96 22.32 -28.57
C LYS B 16 15.12 21.43 -29.79
N GLN B 17 15.74 21.94 -30.85
CA GLN B 17 15.94 21.16 -32.06
C GLN B 17 17.13 20.22 -31.98
N THR B 18 18.07 20.47 -31.06
CA THR B 18 19.33 19.75 -31.04
C THR B 18 19.59 18.97 -29.75
N HIS B 19 18.85 19.26 -28.67
CA HIS B 19 19.07 18.67 -27.36
C HIS B 19 17.80 18.01 -26.84
N HIS B 20 17.99 17.03 -25.97
CA HIS B 20 16.87 16.42 -25.26
C HIS B 20 16.39 17.32 -24.13
N HIS B 21 15.11 17.21 -23.82
CA HIS B 21 14.48 18.02 -22.77
C HIS B 21 14.51 17.25 -21.45
N TYR B 22 15.45 17.58 -20.59
CA TYR B 22 15.35 17.15 -19.20
C TYR B 22 14.60 18.22 -18.41
N CYS B 23 14.29 17.92 -17.15
CA CYS B 23 13.50 18.85 -16.33
C CYS B 23 14.44 19.92 -15.78
N GLY B 24 14.55 21.03 -16.51
CA GLY B 24 15.33 22.18 -16.11
C GLY B 24 16.52 22.50 -16.98
N PHE B 25 16.93 21.57 -17.84
CA PHE B 25 18.10 21.79 -18.69
C PHE B 25 17.97 20.94 -19.94
N TYR B 26 18.70 21.36 -20.97
CA TYR B 26 18.84 20.62 -22.21
C TYR B 26 20.10 19.75 -22.15
N SER B 27 20.03 18.59 -22.79
CA SER B 27 21.19 17.69 -22.83
C SER B 27 21.40 17.16 -24.23
N LEU B 28 22.63 17.28 -24.73
CA LEU B 28 22.93 16.79 -26.07
C LEU B 28 22.81 15.28 -26.15
N ASN B 29 23.28 14.58 -25.13
CA ASN B 29 23.23 13.12 -25.10
C ASN B 29 22.28 12.66 -24.01
N ILE B 30 21.85 11.40 -24.13
CA ILE B 30 21.09 10.77 -23.05
C ILE B 30 22.01 10.61 -21.85
N LEU B 31 21.53 11.06 -20.69
CA LEU B 31 22.35 11.05 -19.48
C LEU B 31 22.24 9.72 -18.75
N ALA B 32 23.20 9.47 -17.87
CA ALA B 32 23.27 8.24 -17.12
C ALA B 32 22.28 8.24 -15.96
N ASN B 33 22.04 7.06 -15.40
CA ASN B 33 21.14 6.91 -14.28
C ASN B 33 21.91 7.02 -12.96
N ILE B 34 21.15 7.18 -11.87
CA ILE B 34 21.71 7.13 -10.53
C ILE B 34 22.01 5.67 -10.19
N ILE B 35 23.23 5.40 -9.72
CA ILE B 35 23.67 4.04 -9.43
C ILE B 35 23.78 3.88 -7.92
N ASP B 36 23.08 2.89 -7.38
CA ASP B 36 23.18 2.51 -5.97
C ASP B 36 22.83 3.67 -5.05
N ASN B 37 21.85 4.49 -5.47
CA ASN B 37 21.22 5.49 -4.61
C ASN B 37 22.23 6.49 -4.06
N VAL B 38 23.16 6.92 -4.92
CA VAL B 38 24.17 7.91 -4.54
C VAL B 38 24.35 8.88 -5.71
N VAL B 39 24.44 10.17 -5.40
CA VAL B 39 24.86 11.17 -6.37
C VAL B 39 26.11 11.86 -5.84
N VAL B 40 26.90 12.39 -6.77
CA VAL B 40 28.18 13.04 -6.44
C VAL B 40 28.14 14.46 -6.95
N VAL B 41 28.25 15.43 -6.03
CA VAL B 41 28.21 16.85 -6.37
C VAL B 41 29.43 17.50 -5.74
N ASN B 42 30.27 18.12 -6.59
CA ASN B 42 31.49 18.79 -6.14
C ASN B 42 32.38 17.86 -5.34
N GLY B 43 32.49 16.62 -5.80
CA GLY B 43 33.40 15.64 -5.22
C GLY B 43 32.92 14.97 -3.94
N LYS B 44 31.72 15.27 -3.46
CA LYS B 44 31.18 14.67 -2.25
C LYS B 44 29.99 13.78 -2.60
N GLN B 45 29.93 12.60 -1.99
CA GLN B 45 28.84 11.67 -2.22
C GLN B 45 27.66 12.00 -1.33
N TYR B 46 26.45 11.84 -1.87
CA TYR B 46 25.22 12.09 -1.15
C TYR B 46 24.29 10.90 -1.35
N PRO B 47 23.90 10.19 -0.29
CA PRO B 47 22.91 9.12 -0.44
C PRO B 47 21.57 9.69 -0.91
N VAL B 48 20.94 8.98 -1.82
CA VAL B 48 19.65 9.37 -2.37
C VAL B 48 18.55 8.66 -1.57
N SER B 49 17.53 9.42 -1.17
CA SER B 49 16.46 8.85 -0.37
C SER B 49 15.55 7.98 -1.23
N ASP B 50 14.60 7.32 -0.57
CA ASP B 50 13.59 6.51 -1.26
C ASP B 50 12.35 7.32 -1.61
N GLU B 51 12.38 8.64 -1.44
CA GLU B 51 11.24 9.51 -1.66
C GLU B 51 11.32 10.13 -3.06
N THR B 52 10.16 10.31 -3.68
CA THR B 52 10.08 11.05 -4.93
C THR B 52 9.00 12.12 -4.83
N ALA B 53 9.08 13.10 -5.73
CA ALA B 53 8.12 14.19 -5.76
C ALA B 53 8.09 14.78 -7.16
N ILE B 54 6.94 15.38 -7.49
CA ILE B 54 6.75 15.99 -8.80
C ILE B 54 7.42 17.36 -8.81
N ASP B 55 8.31 17.57 -9.78
CA ASP B 55 8.93 18.86 -10.05
C ASP B 55 8.53 19.31 -11.46
N TRP B 56 8.80 20.57 -11.76
CA TRP B 56 8.45 21.11 -13.07
C TRP B 56 9.44 22.20 -13.46
N ALA B 57 9.55 22.44 -14.76
CA ALA B 57 10.46 23.48 -15.27
C ALA B 57 9.91 24.03 -16.58
N TYR B 58 9.66 25.34 -16.62
CA TYR B 58 9.25 26.04 -17.82
C TYR B 58 10.50 26.43 -18.61
N ASP B 59 10.49 26.18 -19.92
CA ASP B 59 11.65 26.50 -20.76
C ASP B 59 11.41 27.73 -21.62
N GLY B 60 10.32 28.45 -21.42
CA GLY B 60 9.97 29.61 -22.22
C GLY B 60 8.81 29.39 -23.16
N VAL B 61 8.48 28.13 -23.47
CA VAL B 61 7.29 27.84 -24.27
C VAL B 61 6.60 26.58 -23.73
N ASP B 62 7.38 25.57 -23.36
CA ASP B 62 6.88 24.30 -22.85
C ASP B 62 7.20 24.16 -21.36
N THR B 63 6.47 23.27 -20.70
CA THR B 63 6.76 22.92 -19.31
C THR B 63 7.08 21.44 -19.24
N ILE B 64 8.21 21.11 -18.62
CA ILE B 64 8.60 19.73 -18.37
C ILE B 64 8.20 19.38 -16.93
N VAL B 65 7.37 18.37 -16.78
CA VAL B 65 6.96 17.86 -15.47
C VAL B 65 7.67 16.53 -15.27
N CYS B 66 8.26 16.34 -14.08
CA CYS B 66 9.11 15.17 -13.87
C CYS B 66 9.04 14.73 -12.41
N GLU B 67 8.81 13.44 -12.21
CA GLU B 67 8.97 12.83 -10.90
C GLU B 67 10.46 12.64 -10.63
N LYS B 68 10.97 13.32 -9.61
CA LYS B 68 12.39 13.31 -9.29
C LYS B 68 12.63 12.63 -7.94
N ARG B 69 13.85 12.16 -7.74
CA ARG B 69 14.25 11.54 -6.48
C ARG B 69 14.81 12.60 -5.54
N LEU B 70 14.40 12.53 -4.27
CA LEU B 70 14.76 13.55 -3.30
C LEU B 70 16.09 13.22 -2.63
N VAL B 71 16.96 14.23 -2.55
CA VAL B 71 18.26 14.11 -1.91
C VAL B 71 18.33 15.14 -0.79
N TYR B 72 18.48 14.67 0.44
CA TYR B 72 18.57 15.53 1.61
C TYR B 72 20.02 15.79 1.96
N THR B 73 20.38 17.06 2.07
CA THR B 73 21.77 17.46 2.31
C THR B 73 21.82 18.43 3.48
N GLU B 74 23.03 18.52 4.06
CA GLU B 74 23.34 19.52 5.07
C GLU B 74 24.16 20.67 4.48
N ARG B 75 24.17 20.80 3.16
CA ARG B 75 25.01 21.76 2.48
C ARG B 75 24.33 22.21 1.21
N GLU B 76 24.45 23.50 0.90
CA GLU B 76 23.81 24.05 -0.29
C GLU B 76 24.53 23.60 -1.55
N TRP B 77 23.76 23.30 -2.60
CA TRP B 77 24.30 22.98 -3.91
C TRP B 77 24.18 24.19 -4.82
N PRO B 78 25.27 24.70 -5.39
CA PRO B 78 25.13 25.81 -6.34
C PRO B 78 24.41 25.39 -7.62
N LEU B 79 23.51 26.25 -8.07
CA LEU B 79 22.76 25.98 -9.30
C LEU B 79 23.71 25.66 -10.45
N HIS B 80 23.26 24.74 -11.31
CA HIS B 80 23.91 24.33 -12.55
C HIS B 80 25.16 23.49 -12.34
N THR B 81 25.49 23.14 -11.10
CA THR B 81 26.61 22.24 -10.85
C THR B 81 26.32 20.88 -11.47
N PRO B 82 27.29 20.28 -12.16
CA PRO B 82 27.07 18.92 -12.71
C PRO B 82 26.89 17.91 -11.59
N ILE B 83 25.96 16.97 -11.81
CA ILE B 83 25.72 15.86 -10.90
C ILE B 83 26.23 14.58 -11.55
N TYR B 84 27.05 13.82 -10.82
CA TYR B 84 27.61 12.57 -11.32
C TYR B 84 27.09 11.40 -10.50
N ASN B 85 27.13 10.22 -11.10
CA ASN B 85 26.90 8.97 -10.38
C ASN B 85 28.24 8.43 -9.89
N ILE B 86 28.21 7.28 -9.22
CA ILE B 86 29.44 6.70 -8.68
C ILE B 86 30.34 6.10 -9.75
N ASN B 87 29.86 5.98 -10.98
CA ASN B 87 30.69 5.60 -12.11
C ASN B 87 31.26 6.81 -12.84
N ASN B 88 31.15 8.01 -12.24
CA ASN B 88 31.74 9.24 -12.78
C ASN B 88 31.12 9.62 -14.13
N GLN B 89 29.85 9.27 -14.32
CA GLN B 89 29.08 9.71 -15.48
C GLN B 89 28.10 10.81 -15.04
N ILE B 90 27.94 11.81 -15.90
CA ILE B 90 27.07 12.93 -15.55
C ILE B 90 25.62 12.49 -15.62
N VAL B 91 24.83 12.88 -14.62
CA VAL B 91 23.44 12.47 -14.44
C VAL B 91 22.54 13.66 -14.72
N GLY B 92 23.05 14.86 -14.47
CA GLY B 92 22.31 16.06 -14.76
C GLY B 92 23.00 17.27 -14.17
N LEU B 93 22.22 18.35 -14.07
CA LEU B 93 22.69 19.61 -13.49
C LEU B 93 21.82 19.96 -12.28
N VAL B 94 22.45 20.57 -11.28
CA VAL B 94 21.72 20.96 -10.08
C VAL B 94 20.67 22.00 -10.44
N THR B 95 19.43 21.77 -10.02
CA THR B 95 18.34 22.71 -10.18
C THR B 95 17.96 23.27 -8.82
N HIS B 96 16.94 24.12 -8.80
CA HIS B 96 16.53 24.77 -7.56
C HIS B 96 16.13 23.74 -6.52
N GLY B 97 16.65 23.91 -5.30
CA GLY B 97 16.26 23.12 -4.17
C GLY B 97 15.46 23.94 -3.16
N VAL B 98 15.24 23.33 -2.00
CA VAL B 98 14.50 23.98 -0.93
C VAL B 98 15.34 23.90 0.33
N GLN B 99 15.31 24.97 1.13
CA GLN B 99 16.01 25.00 2.41
C GLN B 99 15.00 24.62 3.49
N LEU B 100 15.20 23.45 4.11
CA LEU B 100 14.26 22.98 5.11
C LEU B 100 14.45 23.71 6.44
N SER B 101 15.70 23.94 6.82
CA SER B 101 16.04 24.68 8.03
C SER B 101 17.40 25.35 7.80
N SER B 102 17.99 25.87 8.88
CA SER B 102 19.24 26.60 8.75
C SER B 102 20.35 25.72 8.17
N GLN B 103 20.35 24.43 8.51
CA GLN B 103 21.40 23.52 8.08
C GLN B 103 20.85 22.33 7.28
N GLU B 104 19.66 22.47 6.70
CA GLU B 104 19.03 21.38 5.97
C GLU B 104 18.56 21.87 4.61
N TYR B 105 18.81 21.06 3.59
CA TYR B 105 18.34 21.34 2.24
C TYR B 105 17.79 20.05 1.65
N CYS B 106 16.94 20.20 0.64
CA CYS B 106 16.46 19.07 -0.13
C CYS B 106 16.50 19.43 -1.61
N TYR B 107 17.14 18.58 -2.40
CA TYR B 107 17.22 18.76 -3.84
C TYR B 107 16.51 17.61 -4.54
N ALA B 108 15.95 17.90 -5.71
CA ALA B 108 15.25 16.92 -6.53
C ALA B 108 16.11 16.61 -7.75
N VAL B 109 16.44 15.34 -7.94
CA VAL B 109 17.32 14.89 -9.01
C VAL B 109 16.55 13.94 -9.91
N GLN B 110 16.50 14.26 -11.20
CA GLN B 110 15.90 13.36 -12.18
C GLN B 110 16.79 12.13 -12.37
N ASP B 111 16.17 10.95 -12.34
CA ASP B 111 16.91 9.70 -12.48
C ASP B 111 16.68 9.15 -13.89
N GLY B 112 17.38 9.76 -14.84
CA GLY B 112 17.24 9.36 -16.23
C GLY B 112 15.79 9.40 -16.66
N PHE B 113 15.38 8.38 -17.41
CA PHE B 113 14.01 8.23 -17.89
C PHE B 113 13.28 7.11 -17.13
N ASN B 114 13.54 6.99 -15.83
CA ASN B 114 12.96 5.90 -15.05
C ASN B 114 11.62 6.22 -14.45
N LEU B 115 11.32 7.49 -14.22
CA LEU B 115 10.14 7.90 -13.45
C LEU B 115 9.18 8.70 -14.33
N TYR B 116 8.04 9.05 -13.76
CA TYR B 116 7.01 9.79 -14.49
C TYR B 116 7.57 11.06 -15.12
N ASN B 117 7.19 11.31 -16.37
CA ASN B 117 7.56 12.50 -17.11
C ASN B 117 6.35 12.97 -17.90
N ASN B 118 6.18 14.29 -18.01
CA ASN B 118 5.12 14.85 -18.85
C ASN B 118 5.64 16.12 -19.49
N HIS B 119 5.69 16.12 -20.83
CA HIS B 119 6.12 17.27 -21.61
C HIS B 119 4.86 18.00 -22.08
N LEU B 120 4.65 19.22 -21.58
CA LEU B 120 3.47 20.02 -21.88
C LEU B 120 3.84 21.08 -22.91
N THR B 121 3.14 21.06 -24.05
CA THR B 121 3.48 21.92 -25.18
C THR B 121 2.72 23.24 -25.11
N GLY B 122 3.44 24.35 -25.21
CA GLY B 122 2.82 25.66 -25.30
C GLY B 122 2.05 26.07 -24.06
N MET B 123 2.47 25.60 -22.88
CA MET B 123 1.77 25.89 -21.64
C MET B 123 2.78 26.17 -20.54
N ASN B 124 2.47 27.18 -19.73
CA ASN B 124 3.26 27.58 -18.57
C ASN B 124 2.51 27.09 -17.34
N LEU B 125 2.99 25.98 -16.76
CA LEU B 125 2.26 25.32 -15.69
C LEU B 125 2.09 26.24 -14.48
N ILE B 126 0.87 26.29 -13.96
CA ILE B 126 0.54 26.98 -12.72
C ILE B 126 0.41 25.93 -11.62
N VAL B 127 1.04 26.18 -10.48
CA VAL B 127 0.95 25.29 -9.33
C VAL B 127 0.22 26.01 -8.21
N ARG B 128 -0.80 25.38 -7.66
CA ARG B 128 -1.59 26.03 -6.62
C ARG B 128 -2.22 24.98 -5.72
N GLU B 129 -2.47 25.37 -4.48
CA GLU B 129 -3.08 24.47 -3.52
C GLU B 129 -4.59 24.38 -3.78
N LYS B 130 -5.10 23.15 -3.77
CA LYS B 130 -6.51 22.92 -4.02
C LYS B 130 -7.35 23.47 -2.86
N LYS B 131 -8.31 24.34 -3.17
CA LYS B 131 -9.12 24.97 -2.14
C LYS B 131 -10.54 24.43 -2.05
N LYS B 132 -11.02 23.71 -3.07
CA LYS B 132 -12.35 23.12 -3.04
C LYS B 132 -12.27 21.63 -3.35
N LEU B 133 -13.42 20.96 -3.26
CA LEU B 133 -13.47 19.52 -3.45
C LEU B 133 -13.18 19.13 -4.90
N ILE B 134 -13.76 19.85 -5.85
CA ILE B 134 -13.70 19.48 -7.26
C ILE B 134 -12.88 20.52 -8.02
N ALA B 135 -11.93 20.06 -8.81
CA ALA B 135 -11.17 20.90 -9.72
C ALA B 135 -11.49 20.48 -11.14
N TYR B 136 -11.77 21.46 -12.01
CA TYR B 136 -12.24 21.18 -13.36
C TYR B 136 -11.88 22.36 -14.24
N ALA B 137 -11.15 22.09 -15.33
CA ALA B 137 -10.64 23.14 -16.23
C ALA B 137 -9.79 24.08 -15.37
N ASP B 138 -9.98 25.39 -15.45
CA ASP B 138 -9.27 26.34 -14.60
C ASP B 138 -10.12 26.84 -13.44
N ARG B 139 -11.13 26.07 -13.04
CA ARG B 139 -12.06 26.48 -11.99
C ARG B 139 -12.13 25.40 -10.92
N GLU B 140 -12.71 25.77 -9.78
CA GLU B 140 -12.93 24.86 -8.67
C GLU B 140 -14.38 24.97 -8.21
N PHE B 141 -14.95 23.85 -7.76
CA PHE B 141 -16.36 23.80 -7.41
C PHE B 141 -16.54 22.99 -6.14
N ASP B 142 -17.65 23.27 -5.43
CA ASP B 142 -17.92 22.59 -4.18
C ASP B 142 -18.64 21.25 -4.39
N ASN B 143 -19.42 21.13 -5.45
CA ASN B 143 -20.18 19.90 -5.71
C ASN B 143 -20.41 19.76 -7.21
N LYS B 144 -20.97 18.60 -7.58
CA LYS B 144 -21.24 18.33 -8.99
C LYS B 144 -22.27 19.29 -9.57
N SER B 145 -23.22 19.74 -8.75
CA SER B 145 -24.26 20.63 -9.27
C SER B 145 -23.68 21.96 -9.74
N GLU B 146 -22.77 22.54 -8.95
CA GLU B 146 -22.06 23.72 -9.40
C GLU B 146 -21.23 23.44 -10.64
N LEU B 147 -20.73 22.22 -10.78
CA LEU B 147 -19.94 21.86 -11.95
C LEU B 147 -20.80 21.78 -13.20
N GLN B 148 -21.99 21.18 -13.10
CA GLN B 148 -22.87 21.07 -14.27
C GLN B 148 -23.28 22.45 -14.78
N ILE B 149 -23.47 23.41 -13.87
CA ILE B 149 -23.86 24.76 -14.27
C ILE B 149 -22.75 25.41 -15.09
N TYR B 150 -21.51 25.25 -14.66
CA TYR B 150 -20.40 25.84 -15.41
C TYR B 150 -20.24 25.20 -16.78
N ILE B 151 -20.39 23.88 -16.86
CA ILE B 151 -20.23 23.18 -18.14
C ILE B 151 -21.29 23.65 -19.13
N GLU B 152 -22.54 23.80 -18.67
CA GLU B 152 -23.61 24.21 -19.57
C GLU B 152 -23.52 25.69 -19.91
N GLU B 153 -23.04 26.52 -18.97
CA GLU B 153 -22.83 27.92 -19.29
C GLU B 153 -21.66 28.11 -20.25
N THR B 154 -20.64 27.27 -20.14
CA THR B 154 -19.51 27.29 -21.06
C THR B 154 -19.79 26.42 -22.28
N LEU B 162 -9.72 32.23 -23.20
CA LEU B 162 -9.17 31.60 -24.37
C LEU B 162 -7.75 31.04 -24.13
N GLY B 163 -7.42 29.93 -24.77
CA GLY B 163 -6.06 29.41 -24.75
C GLY B 163 -5.92 28.17 -23.88
N TYR B 164 -4.85 27.43 -24.15
CA TYR B 164 -4.50 26.25 -23.37
C TYR B 164 -3.90 26.66 -22.02
N GLY B 165 -4.16 25.82 -21.01
CA GLY B 165 -3.61 26.06 -19.69
C GLY B 165 -3.36 24.75 -18.99
N ALA B 166 -2.47 24.79 -18.00
CA ALA B 166 -2.11 23.63 -17.22
C ALA B 166 -1.99 24.04 -15.77
N ILE B 167 -2.66 23.30 -14.89
CA ILE B 167 -2.63 23.58 -13.46
C ILE B 167 -2.23 22.31 -12.73
N LEU B 168 -1.22 22.43 -11.86
CA LEU B 168 -0.82 21.33 -10.99
C LEU B 168 -1.36 21.61 -9.60
N TYR B 169 -2.37 20.84 -9.19
CA TYR B 169 -2.98 20.98 -7.88
C TYR B 169 -2.30 20.10 -6.86
N HIS B 170 -2.34 20.55 -5.60
CA HIS B 170 -1.87 19.77 -4.47
C HIS B 170 -2.64 20.20 -3.24
N VAL B 171 -2.61 19.36 -2.21
CA VAL B 171 -3.13 19.69 -0.89
C VAL B 171 -1.99 19.45 0.09
N ASN B 172 -1.43 20.52 0.64
CA ASN B 172 -0.28 20.44 1.54
C ASN B 172 0.85 19.63 0.90
N LYS B 173 1.10 19.91 -0.38
CA LYS B 173 2.14 19.28 -1.19
C LYS B 173 1.87 17.81 -1.48
N LYS B 174 0.66 17.33 -1.25
CA LYS B 174 0.32 15.93 -1.49
C LYS B 174 -0.72 15.81 -2.60
N ASN B 175 -0.87 14.59 -3.10
CA ASN B 175 -1.89 14.22 -4.09
C ASN B 175 -1.84 15.13 -5.33
N ALA B 176 -0.67 15.13 -5.97
CA ALA B 176 -0.47 15.90 -7.19
C ALA B 176 -1.57 15.60 -8.22
N GLN B 177 -2.17 16.66 -8.75
CA GLN B 177 -3.29 16.55 -9.68
C GLN B 177 -3.07 17.55 -10.81
N LEU B 178 -2.91 17.03 -12.02
CA LEU B 178 -2.57 17.83 -13.19
C LEU B 178 -3.80 17.97 -14.08
N ILE B 179 -4.22 19.21 -14.33
CA ILE B 179 -5.39 19.49 -15.15
C ILE B 179 -4.96 20.33 -16.34
N LEU B 180 -5.31 19.86 -17.54
CA LEU B 180 -5.13 20.60 -18.77
C LEU B 180 -6.48 21.08 -19.27
N HIS B 181 -6.52 22.30 -19.79
CA HIS B 181 -7.77 22.87 -20.27
C HIS B 181 -7.50 23.73 -21.49
N ASN B 182 -8.57 24.04 -22.22
CA ASN B 182 -8.48 24.92 -23.39
C ASN B 182 -9.83 25.59 -23.58
N ASN B 183 -9.82 26.92 -23.67
CA ASN B 183 -11.03 27.72 -23.89
C ASN B 183 -12.13 27.40 -22.87
N GLY B 184 -11.75 27.18 -21.61
CA GLY B 184 -12.72 26.88 -20.58
C GLY B 184 -13.17 25.43 -20.52
N LEU B 185 -12.73 24.59 -21.46
CA LEU B 185 -13.11 23.18 -21.49
C LEU B 185 -12.00 22.34 -20.87
N GLN B 186 -12.39 21.30 -20.13
CA GLN B 186 -11.40 20.40 -19.56
C GLN B 186 -10.90 19.42 -20.62
N ILE B 187 -9.58 19.22 -20.64
CA ILE B 187 -8.98 18.25 -21.55
C ILE B 187 -8.71 16.96 -20.78
N SER B 188 -7.88 17.04 -19.74
CA SER B 188 -7.51 15.86 -18.98
C SER B 188 -7.37 16.23 -17.50
N ASN B 189 -7.63 15.24 -16.65
CA ASN B 189 -7.58 15.42 -15.20
C ASN B 189 -6.89 14.17 -14.62
N SER B 190 -5.58 14.28 -14.41
CA SER B 190 -4.76 13.14 -14.00
C SER B 190 -4.38 13.27 -12.54
N ARG B 191 -4.73 12.27 -11.75
CA ARG B 191 -4.34 12.19 -10.36
C ARG B 191 -3.10 11.30 -10.28
N LEU B 192 -1.95 11.94 -10.01
CA LEU B 192 -0.67 11.25 -10.08
C LEU B 192 -0.34 10.45 -8.81
N ARG B 193 -1.02 10.75 -7.70
CA ARG B 193 -0.78 10.07 -6.42
C ARG B 193 0.67 10.22 -5.97
N LYS B 194 1.24 11.40 -6.19
CA LYS B 194 2.62 11.70 -5.82
C LYS B 194 2.65 13.03 -5.06
N ASN B 195 3.72 13.22 -4.28
CA ASN B 195 3.94 14.50 -3.64
C ASN B 195 4.45 15.52 -4.66
N VAL B 196 4.34 16.80 -4.30
CA VAL B 196 4.81 17.91 -5.11
C VAL B 196 6.03 18.52 -4.41
N PHE B 197 7.07 18.80 -5.18
CA PHE B 197 8.30 19.38 -4.65
C PHE B 197 8.21 20.90 -4.61
N GLY B 198 8.79 21.50 -3.58
CA GLY B 198 8.85 22.95 -3.49
C GLY B 198 8.81 23.51 -2.09
N GLU C 3 26.34 -25.28 13.17
CA GLU C 3 24.98 -25.12 12.66
C GLU C 3 24.17 -26.40 12.86
N SER C 4 23.27 -26.38 13.84
CA SER C 4 22.53 -27.56 14.25
C SER C 4 21.04 -27.26 14.22
N LEU C 5 20.30 -27.98 13.37
CA LEU C 5 18.86 -27.87 13.28
C LEU C 5 18.25 -29.24 13.54
N ALA C 6 17.11 -29.25 14.24
CA ALA C 6 16.46 -30.52 14.54
C ALA C 6 14.95 -30.32 14.53
N PRO C 7 14.20 -31.13 13.81
CA PRO C 7 12.74 -31.00 13.81
C PRO C 7 12.15 -31.33 15.18
N PHE C 8 10.95 -30.82 15.40
CA PHE C 8 10.25 -31.07 16.66
C PHE C 8 9.98 -32.56 16.83
N GLY C 9 10.04 -33.01 18.08
CA GLY C 9 9.77 -34.40 18.40
C GLY C 9 9.79 -34.64 19.89
N TYR C 10 9.04 -35.65 20.35
CA TYR C 10 9.04 -35.96 21.78
C TYR C 10 10.42 -36.36 22.28
N ASN C 11 11.26 -36.89 21.38
CA ASN C 11 12.63 -37.28 21.73
C ASN C 11 13.60 -36.11 21.66
N LYS C 12 13.16 -34.94 21.20
CA LYS C 12 14.04 -33.78 21.03
C LYS C 12 13.72 -32.66 22.01
N VAL C 13 12.92 -32.93 23.05
CA VAL C 13 12.49 -31.86 23.94
C VAL C 13 13.64 -31.27 24.74
N SER C 14 14.76 -32.00 24.89
CA SER C 14 15.92 -31.43 25.56
C SER C 14 16.51 -30.26 24.78
N PHE C 15 16.28 -30.20 23.46
CA PHE C 15 16.80 -29.11 22.65
C PHE C 15 16.22 -27.76 23.05
N LYS C 16 15.08 -27.74 23.76
CA LYS C 16 14.49 -26.48 24.17
C LYS C 16 15.45 -25.64 25.00
N GLN C 17 16.39 -26.28 25.69
CA GLN C 17 17.29 -25.57 26.58
C GLN C 17 18.53 -25.01 25.88
N THR C 18 18.81 -25.46 24.66
CA THR C 18 20.00 -25.04 23.94
C THR C 18 19.73 -24.41 22.59
N HIS C 19 18.51 -24.53 22.06
CA HIS C 19 18.20 -24.13 20.70
C HIS C 19 17.08 -23.11 20.67
N HIS C 20 17.05 -22.32 19.60
CA HIS C 20 15.96 -21.39 19.37
C HIS C 20 14.74 -22.13 18.82
N HIS C 21 13.56 -21.66 19.19
CA HIS C 21 12.29 -22.26 18.77
C HIS C 21 11.84 -21.61 17.48
N TYR C 22 12.06 -22.29 16.35
CA TYR C 22 11.39 -21.94 15.12
C TYR C 22 10.11 -22.76 15.00
N CYS C 23 9.28 -22.41 14.02
CA CYS C 23 7.98 -23.05 13.88
C CYS C 23 8.18 -24.41 13.20
N GLY C 24 8.40 -25.44 14.02
CA GLY C 24 8.54 -26.80 13.54
C GLY C 24 9.90 -27.43 13.76
N PHE C 25 10.91 -26.66 14.12
CA PHE C 25 12.24 -27.21 14.31
C PHE C 25 13.02 -26.32 15.27
N TYR C 26 14.04 -26.91 15.89
CA TYR C 26 15.00 -26.18 16.71
C TYR C 26 16.21 -25.78 15.88
N SER C 27 16.85 -24.68 16.29
CA SER C 27 18.05 -24.20 15.63
C SER C 27 18.99 -23.58 16.66
N LEU C 28 20.26 -23.98 16.61
CA LEU C 28 21.24 -23.47 17.57
C LEU C 28 21.51 -21.98 17.36
N ASN C 29 21.63 -21.54 16.12
CA ASN C 29 21.92 -20.16 15.81
C ASN C 29 20.73 -19.48 15.15
N ILE C 30 20.75 -18.15 15.14
CA ILE C 30 19.75 -17.38 14.40
C ILE C 30 19.94 -17.65 12.91
N LEU C 31 18.86 -18.04 12.24
CA LEU C 31 18.94 -18.38 10.83
C LEU C 31 18.83 -17.14 9.95
N ALA C 32 19.29 -17.29 8.71
CA ALA C 32 19.30 -16.20 7.75
C ALA C 32 17.89 -15.91 7.24
N ASN C 33 17.74 -14.76 6.60
CA ASN C 33 16.48 -14.35 6.00
C ASN C 33 16.40 -14.78 4.55
N ILE C 34 15.17 -14.83 4.03
CA ILE C 34 14.94 -15.01 2.60
C ILE C 34 15.33 -13.73 1.88
N ILE C 35 16.18 -13.86 0.85
CA ILE C 35 16.73 -12.72 0.13
C ILE C 35 16.21 -12.74 -1.30
N ASP C 36 15.58 -11.64 -1.72
CA ASP C 36 15.10 -11.47 -3.08
C ASP C 36 14.01 -12.47 -3.44
N ASN C 37 13.23 -12.90 -2.45
CA ASN C 37 12.05 -13.73 -2.66
C ASN C 37 12.40 -15.04 -3.36
N VAL C 38 13.45 -15.69 -2.89
CA VAL C 38 13.92 -16.96 -3.45
C VAL C 38 14.38 -17.85 -2.30
N VAL C 39 14.03 -19.13 -2.37
CA VAL C 39 14.61 -20.14 -1.52
C VAL C 39 15.23 -21.22 -2.41
N VAL C 40 16.16 -21.98 -1.83
CA VAL C 40 16.88 -23.01 -2.57
C VAL C 40 16.75 -24.31 -1.80
N VAL C 41 16.21 -25.34 -2.46
CA VAL C 41 16.00 -26.66 -1.88
C VAL C 41 16.62 -27.67 -2.83
N ASN C 42 17.55 -28.47 -2.33
CA ASN C 42 18.26 -29.47 -3.13
C ASN C 42 18.86 -28.85 -4.39
N GLY C 43 19.42 -27.65 -4.25
CA GLY C 43 20.15 -27.00 -5.31
C GLY C 43 19.32 -26.17 -6.26
N LYS C 44 17.99 -26.24 -6.19
CA LYS C 44 17.12 -25.57 -7.14
C LYS C 44 16.48 -24.33 -6.51
N GLN C 45 16.44 -23.24 -7.26
CA GLN C 45 15.78 -22.02 -6.80
C GLN C 45 14.27 -22.14 -6.96
N TYR C 46 13.54 -21.59 -5.97
CA TYR C 46 12.09 -21.52 -6.00
C TYR C 46 11.67 -20.09 -5.66
N PRO C 47 11.02 -19.38 -6.58
CA PRO C 47 10.53 -18.04 -6.22
C PRO C 47 9.49 -18.13 -5.12
N VAL C 48 9.56 -17.17 -4.19
CA VAL C 48 8.67 -17.12 -3.03
C VAL C 48 7.57 -16.10 -3.32
N SER C 49 6.33 -16.49 -3.05
CA SER C 49 5.22 -15.59 -3.34
C SER C 49 5.15 -14.46 -2.32
N ASP C 50 4.23 -13.53 -2.57
CA ASP C 50 3.91 -12.44 -1.65
C ASP C 50 2.84 -12.83 -0.64
N GLU C 51 2.41 -14.08 -0.64
CA GLU C 51 1.33 -14.55 0.23
C GLU C 51 1.90 -15.08 1.53
N THR C 52 1.14 -14.92 2.62
CA THR C 52 1.48 -15.49 3.91
C THR C 52 0.28 -16.19 4.50
N ALA C 53 0.55 -17.06 5.47
CA ALA C 53 -0.51 -17.78 6.16
C ALA C 53 -0.02 -18.17 7.54
N ILE C 54 -0.97 -18.36 8.45
CA ILE C 54 -0.66 -18.76 9.82
C ILE C 54 -0.43 -20.26 9.85
N ASP C 55 0.75 -20.66 10.31
CA ASP C 55 1.09 -22.05 10.54
C ASP C 55 1.34 -22.24 12.04
N TRP C 56 1.44 -23.49 12.46
CA TRP C 56 1.68 -23.79 13.86
C TRP C 56 2.39 -25.13 13.96
N ALA C 57 3.07 -25.33 15.09
CA ALA C 57 3.77 -26.59 15.34
C ALA C 57 3.85 -26.82 16.84
N TYR C 58 3.35 -27.97 17.28
CA TYR C 58 3.49 -28.42 18.66
C TYR C 58 4.82 -29.15 18.80
N ASP C 59 5.54 -28.86 19.88
CA ASP C 59 6.85 -29.48 20.11
C ASP C 59 6.82 -30.52 21.22
N GLY C 60 5.63 -30.89 21.70
CA GLY C 60 5.50 -31.82 22.80
C GLY C 60 5.01 -31.18 24.09
N VAL C 61 5.22 -29.87 24.25
CA VAL C 61 4.73 -29.17 25.44
C VAL C 61 4.22 -27.78 25.04
N ASP C 62 4.93 -27.11 24.12
CA ASP C 62 4.59 -25.77 23.67
C ASP C 62 4.11 -25.80 22.23
N THR C 63 3.34 -24.78 21.86
CA THR C 63 2.93 -24.57 20.47
C THR C 63 3.53 -23.26 19.96
N ILE C 64 4.24 -23.33 18.84
CA ILE C 64 4.74 -22.15 18.15
C ILE C 64 3.77 -21.80 17.03
N VAL C 65 3.24 -20.59 17.07
CA VAL C 65 2.40 -20.07 16.00
C VAL C 65 3.24 -19.06 15.22
N CYS C 66 3.20 -19.14 13.90
CA CYS C 66 4.09 -18.33 13.08
C CYS C 66 3.45 -18.02 11.73
N GLU C 67 3.51 -16.76 11.34
CA GLU C 67 3.12 -16.36 9.99
C GLU C 67 4.26 -16.67 9.03
N LYS C 68 3.99 -17.54 8.06
CA LYS C 68 5.01 -18.02 7.13
C LYS C 68 4.71 -17.57 5.71
N ARG C 69 5.74 -17.56 4.87
CA ARG C 69 5.59 -17.20 3.47
C ARG C 69 5.33 -18.45 2.64
N LEU C 70 4.43 -18.32 1.66
CA LEU C 70 4.03 -19.45 0.84
C LEU C 70 4.94 -19.59 -0.37
N VAL C 71 5.36 -20.83 -0.64
CA VAL C 71 6.18 -21.17 -1.80
C VAL C 71 5.46 -22.25 -2.58
N TYR C 72 5.06 -21.93 -3.82
CA TYR C 72 4.39 -22.89 -4.68
C TYR C 72 5.43 -23.63 -5.53
N THR C 73 5.28 -24.95 -5.63
CA THR C 73 6.25 -25.80 -6.31
C THR C 73 5.55 -26.80 -7.22
N GLU C 74 6.25 -27.21 -8.28
CA GLU C 74 5.77 -28.29 -9.13
C GLU C 74 6.05 -29.66 -8.52
N ARG C 75 7.13 -29.79 -7.75
CA ARG C 75 7.56 -31.06 -7.20
C ARG C 75 7.53 -31.03 -5.69
N GLU C 76 7.43 -32.22 -5.09
CA GLU C 76 7.39 -32.35 -3.65
C GLU C 76 8.76 -32.03 -3.05
N TRP C 77 8.76 -31.41 -1.87
CA TRP C 77 9.97 -31.20 -1.10
C TRP C 77 10.08 -32.30 -0.05
N PRO C 78 11.18 -33.06 0.00
CA PRO C 78 11.31 -34.08 1.05
C PRO C 78 11.32 -33.46 2.43
N LEU C 79 10.61 -34.09 3.36
CA LEU C 79 10.47 -33.57 4.71
C LEU C 79 11.82 -33.42 5.38
N HIS C 80 11.99 -32.31 6.11
CA HIS C 80 13.19 -31.99 6.89
C HIS C 80 14.38 -31.61 6.02
N THR C 81 14.21 -31.48 4.71
CA THR C 81 15.31 -31.04 3.87
C THR C 81 15.72 -29.62 4.26
N PRO C 82 17.01 -29.34 4.36
CA PRO C 82 17.45 -27.96 4.63
C PRO C 82 17.02 -27.01 3.52
N ILE C 83 16.57 -25.83 3.92
CA ILE C 83 16.20 -24.75 3.01
C ILE C 83 17.26 -23.67 3.12
N TYR C 84 17.76 -23.20 1.98
CA TYR C 84 18.77 -22.15 1.95
C TYR C 84 18.22 -20.94 1.21
N ASN C 85 18.82 -19.77 1.48
CA ASN C 85 18.54 -18.61 0.67
C ASN C 85 19.45 -18.64 -0.57
N ILE C 86 19.37 -17.59 -1.40
CA ILE C 86 20.11 -17.59 -2.64
C ILE C 86 21.61 -17.44 -2.42
N ASN C 87 22.02 -17.03 -1.22
CA ASN C 87 23.43 -16.90 -0.87
C ASN C 87 23.96 -18.11 -0.11
N ASN C 88 23.26 -19.25 -0.19
CA ASN C 88 23.71 -20.52 0.41
C ASN C 88 23.81 -20.42 1.93
N GLN C 89 22.93 -19.64 2.55
CA GLN C 89 22.80 -19.59 4.00
C GLN C 89 21.53 -20.33 4.39
N ILE C 90 21.61 -21.17 5.42
CA ILE C 90 20.47 -22.00 5.76
C ILE C 90 19.37 -21.14 6.37
N VAL C 91 18.14 -21.36 5.91
CA VAL C 91 16.98 -20.61 6.37
C VAL C 91 16.07 -21.43 7.27
N GLY C 92 16.04 -22.75 7.09
CA GLY C 92 15.21 -23.61 7.92
C GLY C 92 15.21 -25.03 7.38
N LEU C 93 14.23 -25.80 7.82
CA LEU C 93 14.01 -27.15 7.33
C LEU C 93 12.64 -27.24 6.69
N VAL C 94 12.52 -28.08 5.67
CA VAL C 94 11.23 -28.32 5.03
C VAL C 94 10.27 -28.90 6.05
N THR C 95 9.14 -28.24 6.24
CA THR C 95 8.05 -28.73 7.07
C THR C 95 6.93 -29.25 6.16
N HIS C 96 5.85 -29.72 6.78
CA HIS C 96 4.77 -30.33 6.02
C HIS C 96 4.08 -29.30 5.11
N GLY C 97 3.93 -29.66 3.84
CA GLY C 97 3.23 -28.85 2.88
C GLY C 97 1.88 -29.46 2.51
N VAL C 98 1.21 -28.79 1.57
CA VAL C 98 -0.08 -29.25 1.08
C VAL C 98 0.03 -29.54 -0.41
N GLN C 99 -0.77 -30.49 -0.87
CA GLN C 99 -0.85 -30.84 -2.28
C GLN C 99 -2.15 -30.28 -2.83
N LEU C 100 -2.03 -29.28 -3.72
CA LEU C 100 -3.21 -28.62 -4.28
C LEU C 100 -3.78 -29.43 -5.44
N SER C 101 -2.92 -29.98 -6.29
CA SER C 101 -3.32 -30.85 -7.38
C SER C 101 -2.23 -31.88 -7.62
N SER C 102 -2.41 -32.71 -8.65
CA SER C 102 -1.49 -33.82 -8.89
C SER C 102 -0.07 -33.33 -9.17
N GLN C 103 0.09 -32.14 -9.74
CA GLN C 103 1.41 -31.66 -10.14
C GLN C 103 1.81 -30.37 -9.42
N GLU C 104 1.15 -30.04 -8.31
CA GLU C 104 1.42 -28.78 -7.63
C GLU C 104 1.31 -28.95 -6.11
N TYR C 105 2.24 -28.32 -5.40
CA TYR C 105 2.29 -28.34 -3.95
C TYR C 105 2.50 -26.92 -3.44
N CYS C 106 2.25 -26.73 -2.15
CA CYS C 106 2.48 -25.44 -1.51
C CYS C 106 3.13 -25.67 -0.16
N TYR C 107 4.22 -24.96 0.10
CA TYR C 107 4.95 -25.06 1.36
C TYR C 107 4.98 -23.71 2.04
N ALA C 108 5.01 -23.74 3.38
CA ALA C 108 5.06 -22.54 4.20
C ALA C 108 6.45 -22.46 4.82
N VAL C 109 7.12 -21.33 4.60
CA VAL C 109 8.50 -21.16 5.05
C VAL C 109 8.58 -19.92 5.93
N GLN C 110 9.15 -20.08 7.12
CA GLN C 110 9.38 -18.97 8.02
C GLN C 110 10.53 -18.10 7.51
N ASP C 111 10.30 -16.79 7.44
CA ASP C 111 11.32 -15.85 6.96
C ASP C 111 11.98 -15.21 8.19
N GLY C 112 12.86 -15.99 8.83
CA GLY C 112 13.56 -15.50 10.00
C GLY C 112 12.61 -15.04 11.08
N PHE C 113 12.91 -13.89 11.66
CA PHE C 113 12.08 -13.27 12.68
C PHE C 113 11.40 -12.01 12.16
N ASN C 114 11.00 -12.03 10.89
CA ASN C 114 10.40 -10.85 10.25
C ASN C 114 8.90 -10.75 10.45
N LEU C 115 8.20 -11.85 10.66
CA LEU C 115 6.73 -11.87 10.66
C LEU C 115 6.19 -12.31 12.01
N TYR C 116 4.86 -12.29 12.13
CA TYR C 116 4.19 -12.59 13.39
C TYR C 116 4.65 -13.93 13.95
N ASN C 117 4.84 -13.97 15.28
CA ASN C 117 5.25 -15.17 15.99
C ASN C 117 4.58 -15.16 17.34
N ASN C 118 4.13 -16.34 17.81
CA ASN C 118 3.48 -16.45 19.11
C ASN C 118 3.89 -17.79 19.73
N HIS C 119 4.65 -17.73 20.82
CA HIS C 119 5.07 -18.91 21.56
C HIS C 119 4.06 -19.15 22.67
N LEU C 120 3.32 -20.26 22.57
CA LEU C 120 2.30 -20.63 23.55
C LEU C 120 2.88 -21.67 24.50
N THR C 121 2.86 -21.39 25.79
CA THR C 121 3.50 -22.24 26.78
C THR C 121 2.51 -23.24 27.37
N GLY C 122 2.88 -24.52 27.33
CA GLY C 122 2.11 -25.55 27.98
C GLY C 122 0.76 -25.81 27.38
N MET C 123 0.59 -25.58 26.08
CA MET C 123 -0.70 -25.74 25.43
C MET C 123 -0.53 -26.43 24.09
N ASN C 124 -1.42 -27.37 23.80
CA ASN C 124 -1.48 -28.04 22.51
C ASN C 124 -2.61 -27.39 21.71
N LEU C 125 -2.24 -26.62 20.68
CA LEU C 125 -3.20 -25.83 19.94
C LEU C 125 -4.20 -26.71 19.19
N ILE C 126 -5.47 -26.33 19.26
CA ILE C 126 -6.54 -26.96 18.51
C ILE C 126 -6.95 -26.01 17.39
N VAL C 127 -7.06 -26.53 16.18
CA VAL C 127 -7.48 -25.75 15.02
C VAL C 127 -8.82 -26.29 14.56
N ARG C 128 -9.84 -25.44 14.55
CA ARG C 128 -11.17 -25.88 14.18
C ARG C 128 -11.89 -24.77 13.43
N GLU C 129 -12.84 -25.16 12.59
CA GLU C 129 -13.61 -24.21 11.81
C GLU C 129 -14.68 -23.56 12.67
N LYS C 130 -14.80 -22.24 12.54
CA LYS C 130 -15.79 -21.50 13.30
C LYS C 130 -17.19 -21.78 12.76
N LYS C 131 -18.13 -22.02 13.67
CA LYS C 131 -19.50 -22.36 13.29
C LYS C 131 -20.55 -21.36 13.74
N LYS C 132 -20.22 -20.45 14.66
CA LYS C 132 -21.16 -19.43 15.12
C LYS C 132 -20.48 -18.07 15.05
N LEU C 133 -21.22 -17.03 15.43
CA LEU C 133 -20.75 -15.66 15.27
C LEU C 133 -19.63 -15.34 16.26
N ILE C 134 -19.82 -15.70 17.52
CA ILE C 134 -18.93 -15.28 18.61
C ILE C 134 -18.19 -16.49 19.15
N ALA C 135 -16.87 -16.37 19.29
CA ALA C 135 -16.06 -17.33 20.00
C ALA C 135 -15.62 -16.72 21.33
N TYR C 136 -15.77 -17.49 22.41
CA TYR C 136 -15.42 -17.02 23.74
C TYR C 136 -15.03 -18.23 24.58
N ALA C 137 -13.84 -18.19 25.16
CA ALA C 137 -13.25 -19.32 25.90
C ALA C 137 -13.23 -20.51 24.93
N ASP C 138 -13.70 -21.69 25.33
CA ASP C 138 -13.77 -22.84 24.43
C ASP C 138 -15.17 -23.02 23.83
N ARG C 139 -15.94 -21.95 23.74
CA ARG C 139 -17.35 -22.02 23.34
C ARG C 139 -17.62 -21.12 22.15
N GLU C 140 -18.72 -21.40 21.47
CA GLU C 140 -19.22 -20.60 20.37
C GLU C 140 -20.65 -20.18 20.66
N PHE C 141 -20.99 -18.93 20.34
CA PHE C 141 -22.29 -18.36 20.65
C PHE C 141 -22.88 -17.67 19.44
N ASP C 142 -24.21 -17.80 19.29
CA ASP C 142 -24.91 -17.19 18.16
C ASP C 142 -25.09 -15.69 18.33
N ASN C 143 -25.12 -15.19 19.56
CA ASN C 143 -25.32 -13.76 19.79
C ASN C 143 -24.82 -13.40 21.19
N LYS C 144 -24.84 -12.10 21.50
CA LYS C 144 -24.28 -11.59 22.74
C LYS C 144 -25.06 -12.08 23.96
N SER C 145 -26.39 -12.14 23.87
CA SER C 145 -27.20 -12.52 25.02
C SER C 145 -26.89 -13.95 25.46
N GLU C 146 -26.75 -14.86 24.50
CA GLU C 146 -26.35 -16.23 24.82
C GLU C 146 -24.98 -16.26 25.48
N LEU C 147 -24.08 -15.37 25.06
CA LEU C 147 -22.74 -15.31 25.64
C LEU C 147 -22.80 -14.78 27.08
N GLN C 148 -23.62 -13.77 27.33
CA GLN C 148 -23.67 -13.18 28.68
C GLN C 148 -24.16 -14.19 29.71
N ILE C 149 -25.10 -15.06 29.31
CA ILE C 149 -25.58 -16.10 30.21
C ILE C 149 -24.45 -17.04 30.59
N TYR C 150 -23.59 -17.39 29.63
CA TYR C 150 -22.48 -18.28 29.94
C TYR C 150 -21.50 -17.64 30.91
N ILE C 151 -21.26 -16.33 30.78
CA ILE C 151 -20.30 -15.66 31.66
C ILE C 151 -20.81 -15.65 33.09
N GLU C 152 -22.09 -15.31 33.28
CA GLU C 152 -22.65 -15.31 34.63
C GLU C 152 -22.70 -16.72 35.21
N GLU C 153 -23.07 -17.71 34.39
CA GLU C 153 -23.18 -19.08 34.87
C GLU C 153 -21.83 -19.65 35.28
N THR C 154 -20.74 -19.19 34.65
CA THR C 154 -19.42 -19.70 34.99
C THR C 154 -18.87 -19.03 36.26
N GLN C 155 -19.23 -17.77 36.51
CA GLN C 155 -18.81 -17.07 37.72
C GLN C 155 -19.28 -17.79 38.98
N GLY C 163 -6.87 -25.54 33.62
CA GLY C 163 -7.05 -26.13 32.31
C GLY C 163 -6.88 -25.13 31.18
N TYR C 164 -5.63 -24.83 30.83
CA TYR C 164 -5.35 -23.91 29.74
C TYR C 164 -5.63 -24.56 28.40
N GLY C 165 -5.99 -23.73 27.43
CA GLY C 165 -6.25 -24.21 26.09
C GLY C 165 -6.06 -23.09 25.08
N ALA C 166 -5.75 -23.48 23.85
CA ALA C 166 -5.58 -22.55 22.75
C ALA C 166 -6.35 -23.09 21.56
N ILE C 167 -7.16 -22.23 20.94
CA ILE C 167 -7.98 -22.61 19.79
C ILE C 167 -7.72 -21.62 18.66
N LEU C 168 -7.36 -22.13 17.50
CA LEU C 168 -7.20 -21.32 16.29
C LEU C 168 -8.44 -21.51 15.44
N TYR C 169 -9.32 -20.49 15.46
CA TYR C 169 -10.54 -20.51 14.68
C TYR C 169 -10.30 -19.98 13.27
N HIS C 170 -11.13 -20.44 12.34
CA HIS C 170 -11.08 -19.99 10.96
C HIS C 170 -12.43 -20.26 10.31
N VAL C 171 -12.69 -19.52 9.23
CA VAL C 171 -13.87 -19.73 8.40
C VAL C 171 -13.36 -20.12 7.01
N ASN C 172 -13.38 -21.42 6.72
CA ASN C 172 -12.86 -21.97 5.48
C ASN C 172 -11.41 -21.51 5.24
N LYS C 173 -10.57 -21.74 6.25
CA LYS C 173 -9.16 -21.38 6.29
C LYS C 173 -8.91 -19.87 6.34
N LYS C 174 -9.95 -19.06 6.48
CA LYS C 174 -9.80 -17.61 6.46
C LYS C 174 -10.05 -17.01 7.84
N ASN C 175 -9.54 -15.79 8.03
CA ASN C 175 -9.76 -15.00 9.25
C ASN C 175 -9.26 -15.73 10.49
N ALA C 176 -7.95 -15.98 10.52
CA ALA C 176 -7.35 -16.66 11.66
C ALA C 176 -7.61 -15.91 12.95
N GLN C 177 -8.15 -16.62 13.94
CA GLN C 177 -8.53 -16.05 15.22
C GLN C 177 -8.03 -16.97 16.31
N LEU C 178 -7.14 -16.46 17.16
CA LEU C 178 -6.49 -17.26 18.20
C LEU C 178 -7.12 -16.95 19.55
N ILE C 179 -7.73 -17.96 20.17
CA ILE C 179 -8.38 -17.82 21.48
C ILE C 179 -7.55 -18.58 22.51
N LEU C 180 -7.19 -17.91 23.59
CA LEU C 180 -6.59 -18.54 24.75
C LEU C 180 -7.58 -18.54 25.90
N HIS C 181 -7.67 -19.65 26.62
CA HIS C 181 -8.67 -19.80 27.67
C HIS C 181 -8.13 -20.68 28.79
N ASN C 182 -8.80 -20.61 29.94
CA ASN C 182 -8.39 -21.37 31.12
C ASN C 182 -9.61 -21.55 32.01
N ASN C 183 -9.97 -22.81 32.28
CA ASN C 183 -11.04 -23.15 33.22
C ASN C 183 -12.36 -22.49 32.81
N GLY C 184 -12.66 -22.54 31.51
CA GLY C 184 -13.86 -21.93 30.99
C GLY C 184 -13.82 -20.41 30.94
N LEU C 185 -12.73 -19.79 31.34
CA LEU C 185 -12.60 -18.34 31.31
C LEU C 185 -11.83 -17.91 30.06
N GLN C 186 -12.22 -16.77 29.50
CA GLN C 186 -11.58 -16.23 28.32
C GLN C 186 -10.36 -15.39 28.73
N ILE C 187 -9.23 -15.62 28.07
CA ILE C 187 -7.99 -14.89 28.36
C ILE C 187 -7.73 -13.84 27.29
N SER C 188 -7.54 -14.27 26.04
CA SER C 188 -7.23 -13.33 24.98
C SER C 188 -7.86 -13.81 23.68
N ASN C 189 -8.22 -12.84 22.84
CA ASN C 189 -8.86 -13.07 21.55
C ASN C 189 -8.13 -12.21 20.53
N SER C 190 -7.21 -12.81 19.78
CA SER C 190 -6.42 -12.08 18.80
C SER C 190 -6.93 -12.39 17.41
N ARG C 191 -7.29 -11.35 16.67
CA ARG C 191 -7.67 -11.45 15.27
C ARG C 191 -6.43 -11.20 14.43
N LEU C 192 -5.98 -12.23 13.71
CA LEU C 192 -4.71 -12.18 13.01
C LEU C 192 -4.83 -11.75 11.55
N ARG C 193 -6.05 -11.74 10.98
CA ARG C 193 -6.30 -11.26 9.62
C ARG C 193 -5.42 -11.98 8.58
N LYS C 194 -5.18 -13.26 8.78
CA LYS C 194 -4.43 -14.06 7.82
C LYS C 194 -5.13 -15.39 7.63
N ASN C 195 -4.82 -16.04 6.51
CA ASN C 195 -5.34 -17.38 6.29
C ASN C 195 -4.59 -18.38 7.17
N VAL C 196 -5.24 -19.51 7.43
CA VAL C 196 -4.63 -20.63 8.15
C VAL C 196 -4.10 -21.61 7.13
N PHE C 197 -2.85 -22.05 7.32
CA PHE C 197 -2.18 -22.96 6.39
C PHE C 197 -2.52 -24.41 6.73
N GLY C 198 -2.63 -25.24 5.70
CA GLY C 198 -2.88 -26.65 5.91
C GLY C 198 -4.28 -27.08 5.48
N GLU D 3 -26.35 5.33 15.41
CA GLU D 3 -24.91 5.48 15.59
C GLU D 3 -24.60 5.96 17.00
N SER D 4 -23.89 5.14 17.77
CA SER D 4 -23.55 5.46 19.16
C SER D 4 -22.08 5.13 19.39
N LEU D 5 -21.26 6.16 19.55
CA LEU D 5 -19.85 6.01 19.87
C LEU D 5 -19.56 6.71 21.20
N ALA D 6 -18.85 6.02 22.09
CA ALA D 6 -18.53 6.56 23.40
C ALA D 6 -17.11 6.16 23.77
N PRO D 7 -16.29 7.09 24.25
CA PRO D 7 -14.91 6.75 24.61
C PRO D 7 -14.83 5.94 25.89
N PHE D 8 -13.73 5.21 26.02
CA PHE D 8 -13.43 4.53 27.28
C PHE D 8 -13.27 5.55 28.39
N GLY D 9 -13.62 5.15 29.61
CA GLY D 9 -13.33 6.01 30.75
C GLY D 9 -14.46 6.30 31.71
N TYR D 10 -15.71 6.12 31.31
CA TYR D 10 -16.82 6.35 32.25
C TYR D 10 -16.84 5.28 33.33
N ASN D 11 -17.07 4.03 32.93
CA ASN D 11 -17.06 2.90 33.85
C ASN D 11 -16.94 1.61 33.03
N LYS D 12 -16.90 0.48 33.73
CA LYS D 12 -16.60 -0.81 33.11
C LYS D 12 -17.84 -1.64 32.81
N VAL D 13 -19.04 -1.09 32.98
CA VAL D 13 -20.25 -1.92 32.82
C VAL D 13 -21.22 -1.33 31.81
N SER D 14 -21.20 -0.01 31.62
CA SER D 14 -22.29 0.67 30.90
C SER D 14 -22.38 0.22 29.45
N PHE D 15 -21.25 -0.05 28.80
CA PHE D 15 -21.24 -0.33 27.37
C PHE D 15 -20.84 -1.75 27.02
N LYS D 16 -20.43 -2.57 27.99
CA LYS D 16 -19.81 -3.85 27.66
C LYS D 16 -20.79 -4.81 26.99
N GLN D 17 -22.04 -4.83 27.45
CA GLN D 17 -22.99 -5.80 26.91
C GLN D 17 -23.58 -5.40 25.58
N THR D 18 -23.52 -4.12 25.20
CA THR D 18 -24.23 -3.63 24.03
C THR D 18 -23.34 -3.13 22.89
N HIS D 19 -22.10 -2.75 23.15
CA HIS D 19 -21.27 -2.06 22.16
C HIS D 19 -20.07 -2.91 21.77
N HIS D 20 -19.61 -2.69 20.53
CA HIS D 20 -18.35 -3.29 20.08
C HIS D 20 -17.18 -2.57 20.76
N HIS D 21 -16.12 -3.34 21.01
CA HIS D 21 -14.92 -2.83 21.69
C HIS D 21 -13.88 -2.46 20.64
N TYR D 22 -13.82 -1.18 20.29
CA TYR D 22 -12.69 -0.66 19.53
C TYR D 22 -11.58 -0.25 20.50
N CYS D 23 -10.43 0.14 19.94
CA CYS D 23 -9.29 0.47 20.79
C CYS D 23 -9.42 1.92 21.26
N GLY D 24 -10.08 2.10 22.40
CA GLY D 24 -10.21 3.40 23.03
C GLY D 24 -11.62 3.94 23.12
N PHE D 25 -12.58 3.29 22.46
CA PHE D 25 -13.96 3.76 22.47
C PHE D 25 -14.88 2.60 22.14
N TYR D 26 -16.15 2.77 22.49
CA TYR D 26 -17.21 1.80 22.17
C TYR D 26 -18.00 2.28 20.97
N SER D 27 -18.59 1.32 20.25
CA SER D 27 -19.45 1.62 19.11
C SER D 27 -20.57 0.60 19.06
N LEU D 28 -21.80 1.09 18.91
CA LEU D 28 -22.94 0.18 18.79
C LEU D 28 -22.88 -0.63 17.51
N ASN D 29 -22.50 0.00 16.40
CA ASN D 29 -22.44 -0.66 15.09
C ASN D 29 -21.00 -0.81 14.63
N ILE D 30 -20.79 -1.74 13.70
CA ILE D 30 -19.49 -1.89 13.07
C ILE D 30 -19.18 -0.62 12.29
N LEU D 31 -18.00 -0.07 12.51
CA LEU D 31 -17.61 1.19 11.90
C LEU D 31 -16.99 0.95 10.52
N ALA D 32 -16.97 2.02 9.72
CA ALA D 32 -16.49 1.94 8.36
C ALA D 32 -14.97 1.89 8.33
N ASN D 33 -14.44 1.60 7.15
CA ASN D 33 -13.01 1.48 6.92
C ASN D 33 -12.44 2.74 6.30
N ILE D 34 -11.13 2.87 6.37
CA ILE D 34 -10.43 3.94 5.66
C ILE D 34 -10.41 3.60 4.18
N ILE D 35 -10.88 4.52 3.36
CA ILE D 35 -10.97 4.33 1.92
C ILE D 35 -10.05 5.32 1.23
N ASP D 36 -9.21 4.81 0.34
CA ASP D 36 -8.27 5.63 -0.45
C ASP D 36 -7.34 6.45 0.45
N ASN D 37 -6.99 5.91 1.62
CA ASN D 37 -5.92 6.44 2.46
C ASN D 37 -6.16 7.90 2.85
N VAL D 38 -7.40 8.20 3.25
CA VAL D 38 -7.74 9.54 3.71
C VAL D 38 -8.81 9.42 4.80
N VAL D 39 -8.73 10.30 5.79
CA VAL D 39 -9.76 10.43 6.81
C VAL D 39 -10.14 11.91 6.91
N VAL D 40 -11.34 12.15 7.40
CA VAL D 40 -11.89 13.49 7.50
C VAL D 40 -12.18 13.79 8.97
N VAL D 41 -11.57 14.85 9.50
CA VAL D 41 -11.76 15.28 10.88
C VAL D 41 -12.07 16.76 10.87
N ASN D 42 -13.23 17.13 11.43
CA ASN D 42 -13.69 18.53 11.46
C ASN D 42 -13.74 19.13 10.05
N GLY D 43 -14.21 18.34 9.09
CA GLY D 43 -14.39 18.82 7.73
C GLY D 43 -13.13 18.94 6.91
N LYS D 44 -11.98 18.55 7.44
CA LYS D 44 -10.72 18.62 6.72
C LYS D 44 -10.18 17.23 6.47
N GLN D 45 -9.62 17.01 5.28
CA GLN D 45 -9.09 15.71 4.91
C GLN D 45 -7.63 15.59 5.30
N TYR D 46 -7.23 14.39 5.71
CA TYR D 46 -5.86 14.11 6.12
C TYR D 46 -5.42 12.82 5.43
N PRO D 47 -4.38 12.86 4.60
CA PRO D 47 -3.85 11.61 4.03
C PRO D 47 -3.28 10.71 5.12
N VAL D 48 -3.58 9.43 5.02
CA VAL D 48 -3.12 8.43 5.97
C VAL D 48 -1.84 7.80 5.45
N SER D 49 -0.81 7.75 6.30
CA SER D 49 0.49 7.21 5.90
C SER D 49 0.40 5.70 5.71
N ASP D 50 1.52 5.12 5.27
CA ASP D 50 1.64 3.67 5.13
C ASP D 50 2.24 3.02 6.38
N GLU D 51 2.45 3.79 7.44
CA GLU D 51 3.04 3.28 8.66
C GLU D 51 1.96 2.81 9.63
N THR D 52 2.30 1.80 10.42
CA THR D 52 1.42 1.32 11.48
C THR D 52 2.20 1.22 12.79
N ALA D 53 1.47 1.14 13.90
CA ALA D 53 2.06 1.02 15.21
C ALA D 53 1.06 0.36 16.14
N ILE D 54 1.57 -0.24 17.21
CA ILE D 54 0.75 -0.93 18.20
C ILE D 54 0.27 0.07 19.24
N ASP D 55 -1.05 0.14 19.43
CA ASP D 55 -1.68 0.96 20.44
C ASP D 55 -2.49 0.05 21.38
N TRP D 56 -2.94 0.62 22.50
CA TRP D 56 -3.69 -0.15 23.48
C TRP D 56 -4.56 0.80 24.29
N ALA D 57 -5.59 0.23 24.91
CA ALA D 57 -6.54 1.02 25.68
C ALA D 57 -7.23 0.13 26.69
N TYR D 58 -7.40 0.66 27.90
CA TYR D 58 -8.01 -0.05 29.02
C TYR D 58 -9.38 0.55 29.28
N ASP D 59 -10.41 -0.29 29.34
CA ASP D 59 -11.77 0.19 29.48
C ASP D 59 -12.28 0.11 30.93
N GLY D 60 -11.42 -0.26 31.86
CA GLY D 60 -11.80 -0.45 33.24
C GLY D 60 -11.71 -1.89 33.72
N VAL D 61 -11.62 -2.84 32.80
CA VAL D 61 -11.52 -4.25 33.16
C VAL D 61 -10.76 -5.01 32.07
N ASP D 62 -10.95 -4.62 30.82
CA ASP D 62 -10.30 -5.24 29.68
C ASP D 62 -9.34 -4.28 29.01
N THR D 63 -8.32 -4.84 28.35
CA THR D 63 -7.40 -4.08 27.52
C THR D 63 -7.57 -4.51 26.07
N ILE D 64 -7.74 -3.54 25.19
CA ILE D 64 -7.76 -3.77 23.75
C ILE D 64 -6.41 -3.36 23.18
N VAL D 65 -5.75 -4.28 22.48
CA VAL D 65 -4.49 -4.01 21.79
C VAL D 65 -4.75 -4.03 20.30
N CYS D 66 -4.27 -3.01 19.59
CA CYS D 66 -4.66 -2.82 18.20
C CYS D 66 -3.50 -2.22 17.40
N GLU D 67 -3.23 -2.80 16.23
CA GLU D 67 -2.34 -2.17 15.26
C GLU D 67 -3.12 -1.10 14.52
N LYS D 68 -2.64 0.15 14.58
CA LYS D 68 -3.34 1.28 14.03
C LYS D 68 -2.53 1.93 12.91
N ARG D 69 -3.22 2.64 12.03
CA ARG D 69 -2.58 3.40 10.96
C ARG D 69 -2.23 4.79 11.46
N LEU D 70 -1.04 5.25 11.13
CA LEU D 70 -0.53 6.53 11.61
C LEU D 70 -0.95 7.65 10.66
N VAL D 71 -1.43 8.76 11.23
CA VAL D 71 -1.82 9.94 10.47
C VAL D 71 -1.03 11.12 11.01
N TYR D 72 -0.19 11.71 10.15
CA TYR D 72 0.60 12.89 10.52
C TYR D 72 -0.16 14.16 10.15
N THR D 73 -0.28 15.08 11.09
CA THR D 73 -1.04 16.29 10.89
C THR D 73 -0.19 17.51 11.23
N GLU D 74 -0.57 18.65 10.65
CA GLU D 74 0.04 19.92 10.99
C GLU D 74 -0.66 20.62 12.15
N ARG D 75 -1.86 20.16 12.51
CA ARG D 75 -2.62 20.70 13.63
C ARG D 75 -3.11 19.55 14.49
N GLU D 76 -3.42 19.85 15.75
CA GLU D 76 -3.82 18.81 16.68
C GLU D 76 -5.29 18.45 16.51
N TRP D 77 -5.61 17.20 16.77
CA TRP D 77 -6.98 16.71 16.70
C TRP D 77 -7.60 16.75 18.09
N PRO D 78 -8.72 17.46 18.28
CA PRO D 78 -9.37 17.45 19.60
C PRO D 78 -9.81 16.04 19.98
N LEU D 79 -9.50 15.66 21.22
CA LEU D 79 -9.85 14.33 21.71
C LEU D 79 -11.35 14.07 21.57
N HIS D 80 -11.69 12.85 21.18
CA HIS D 80 -13.04 12.32 21.02
C HIS D 80 -13.77 12.86 19.79
N THR D 81 -13.12 13.68 18.97
CA THR D 81 -13.75 14.15 17.74
C THR D 81 -14.02 12.96 16.81
N PRO D 82 -15.19 12.87 16.21
CA PRO D 82 -15.48 11.76 15.29
C PRO D 82 -14.63 11.84 14.03
N ILE D 83 -14.20 10.67 13.56
CA ILE D 83 -13.39 10.52 12.35
C ILE D 83 -14.24 9.89 11.27
N TYR D 84 -14.25 10.48 10.07
CA TYR D 84 -15.03 10.00 8.96
C TYR D 84 -14.13 9.57 7.81
N ASN D 85 -14.67 8.71 6.94
CA ASN D 85 -13.98 8.34 5.72
C ASN D 85 -14.49 9.22 4.57
N ILE D 86 -14.12 8.84 3.34
CA ILE D 86 -14.45 9.67 2.19
C ILE D 86 -15.92 9.56 1.80
N ASN D 87 -16.63 8.53 2.27
CA ASN D 87 -18.07 8.40 2.05
C ASN D 87 -18.89 8.99 3.19
N ASN D 88 -18.29 9.82 4.04
CA ASN D 88 -18.94 10.43 5.19
C ASN D 88 -19.46 9.39 6.18
N GLN D 89 -18.88 8.19 6.17
CA GLN D 89 -19.17 7.17 7.17
C GLN D 89 -18.17 7.30 8.31
N ILE D 90 -18.65 7.15 9.53
CA ILE D 90 -17.79 7.32 10.70
C ILE D 90 -16.91 6.08 10.86
N VAL D 91 -15.62 6.31 11.10
CA VAL D 91 -14.68 5.22 11.33
C VAL D 91 -14.23 5.10 12.78
N GLY D 92 -14.47 6.12 13.60
CA GLY D 92 -14.05 6.06 14.99
C GLY D 92 -14.06 7.43 15.61
N LEU D 93 -13.44 7.51 16.79
CA LEU D 93 -13.22 8.76 17.51
C LEU D 93 -11.72 9.00 17.65
N VAL D 94 -11.34 10.28 17.63
CA VAL D 94 -9.95 10.65 17.86
C VAL D 94 -9.53 10.20 19.25
N THR D 95 -8.42 9.47 19.33
CA THR D 95 -7.82 9.05 20.59
C THR D 95 -6.56 9.88 20.84
N HIS D 96 -5.91 9.60 21.97
CA HIS D 96 -4.71 10.34 22.34
C HIS D 96 -3.63 10.18 21.29
N GLY D 97 -3.01 11.30 20.90
CA GLY D 97 -1.91 11.31 19.97
C GLY D 97 -0.63 11.77 20.61
N VAL D 98 0.36 12.06 19.76
CA VAL D 98 1.64 12.57 20.20
C VAL D 98 1.99 13.81 19.39
N GLN D 99 2.75 14.71 20.01
CA GLN D 99 3.25 15.91 19.36
C GLN D 99 4.73 15.72 19.07
N LEU D 100 5.06 15.59 17.78
CA LEU D 100 6.45 15.39 17.40
C LEU D 100 7.24 16.70 17.48
N SER D 101 6.62 17.79 17.06
CA SER D 101 7.23 19.11 17.13
C SER D 101 6.10 20.15 17.17
N SER D 102 6.47 21.43 17.12
CA SER D 102 5.50 22.51 17.25
C SER D 102 4.45 22.48 16.15
N GLN D 103 4.83 22.10 14.93
CA GLN D 103 3.92 22.09 13.80
C GLN D 103 3.48 20.69 13.39
N GLU D 104 3.85 19.66 14.14
CA GLU D 104 3.61 18.29 13.71
C GLU D 104 3.08 17.45 14.85
N TYR D 105 1.95 16.79 14.61
CA TYR D 105 1.37 15.80 15.51
C TYR D 105 1.23 14.47 14.78
N CYS D 106 1.03 13.40 15.54
CA CYS D 106 0.78 12.10 14.95
C CYS D 106 -0.33 11.40 15.72
N TYR D 107 -1.31 10.86 14.99
CA TYR D 107 -2.42 10.16 15.59
C TYR D 107 -2.51 8.75 15.01
N ALA D 108 -2.99 7.82 15.83
CA ALA D 108 -3.13 6.43 15.44
C ALA D 108 -4.62 6.15 15.27
N VAL D 109 -5.01 5.66 14.09
CA VAL D 109 -6.40 5.45 13.74
C VAL D 109 -6.61 3.99 13.39
N GLN D 110 -7.57 3.35 14.05
CA GLN D 110 -7.92 1.97 13.75
C GLN D 110 -8.70 1.90 12.44
N ASP D 111 -8.27 1.03 11.54
CA ASP D 111 -8.92 0.87 10.24
C ASP D 111 -9.89 -0.31 10.30
N GLY D 112 -11.00 -0.09 10.98
CA GLY D 112 -11.99 -1.15 11.15
C GLY D 112 -11.34 -2.36 11.78
N PHE D 113 -11.65 -3.54 11.23
CA PHE D 113 -11.08 -4.81 11.67
C PHE D 113 -10.08 -5.33 10.65
N ASN D 114 -9.32 -4.44 10.00
CA ASN D 114 -8.41 -4.85 8.95
C ASN D 114 -7.02 -5.24 9.47
N LEU D 115 -6.64 -4.79 10.66
CA LEU D 115 -5.30 -5.02 11.18
C LEU D 115 -5.38 -5.78 12.50
N TYR D 116 -4.20 -6.14 13.02
CA TYR D 116 -4.10 -6.93 14.25
C TYR D 116 -4.92 -6.32 15.37
N ASN D 117 -5.65 -7.18 16.08
CA ASN D 117 -6.43 -6.79 17.24
C ASN D 117 -6.30 -7.89 18.27
N ASN D 118 -6.24 -7.52 19.55
CA ASN D 118 -6.18 -8.50 20.63
C ASN D 118 -7.01 -7.98 21.80
N HIS D 119 -8.06 -8.70 22.14
CA HIS D 119 -8.92 -8.37 23.27
C HIS D 119 -8.45 -9.17 24.47
N LEU D 120 -7.89 -8.48 25.46
CA LEU D 120 -7.41 -9.08 26.69
C LEU D 120 -8.48 -8.94 27.77
N THR D 121 -8.96 -10.06 28.28
CA THR D 121 -10.06 -10.09 29.23
C THR D 121 -9.54 -10.04 30.66
N GLY D 122 -10.05 -9.08 31.43
CA GLY D 122 -9.80 -9.06 32.88
C GLY D 122 -8.37 -8.82 33.28
N MET D 123 -7.65 -7.97 32.54
CA MET D 123 -6.28 -7.67 32.91
C MET D 123 -5.89 -6.31 32.33
N ASN D 124 -4.91 -5.69 32.98
CA ASN D 124 -4.38 -4.41 32.57
C ASN D 124 -3.01 -4.61 31.93
N LEU D 125 -2.71 -3.76 30.94
CA LEU D 125 -1.45 -3.85 30.22
C LEU D 125 -0.43 -2.88 30.81
N ILE D 126 0.79 -3.37 31.00
CA ILE D 126 1.90 -2.56 31.50
C ILE D 126 2.97 -2.52 30.42
N VAL D 127 3.42 -1.31 30.08
CA VAL D 127 4.45 -1.12 29.08
C VAL D 127 5.81 -1.09 29.78
N ARG D 128 6.75 -1.89 29.28
CA ARG D 128 8.03 -2.07 29.94
C ARG D 128 9.13 -2.11 28.89
N GLU D 129 10.18 -1.33 29.11
CA GLU D 129 11.34 -1.39 28.23
C GLU D 129 12.08 -2.70 28.45
N LYS D 130 12.33 -3.42 27.35
CA LYS D 130 13.02 -4.70 27.41
C LYS D 130 14.50 -4.49 27.67
N LYS D 131 15.00 -5.00 28.79
CA LYS D 131 16.39 -4.79 29.16
C LYS D 131 17.20 -6.08 29.28
N LYS D 132 16.56 -7.25 29.29
CA LYS D 132 17.26 -8.52 29.24
C LYS D 132 16.81 -9.29 28.00
N LEU D 133 17.64 -10.26 27.61
CA LEU D 133 17.44 -10.94 26.33
C LEU D 133 16.15 -11.73 26.29
N ILE D 134 15.78 -12.37 27.41
CA ILE D 134 14.68 -13.32 27.44
C ILE D 134 13.59 -12.78 28.36
N ALA D 135 12.36 -12.78 27.88
CA ALA D 135 11.19 -12.45 28.67
C ALA D 135 10.38 -13.71 28.95
N TYR D 136 9.89 -13.85 30.17
CA TYR D 136 9.15 -15.03 30.57
C TYR D 136 8.31 -14.69 31.80
N ALA D 137 7.02 -15.01 31.75
CA ALA D 137 6.06 -14.67 32.81
C ALA D 137 6.16 -13.17 33.05
N ASP D 138 6.33 -12.70 34.28
CA ASP D 138 6.50 -11.29 34.58
C ASP D 138 7.95 -10.92 34.84
N ARG D 139 8.89 -11.76 34.41
CA ARG D 139 10.31 -11.57 34.69
C ARG D 139 11.12 -11.56 33.41
N GLU D 140 12.36 -11.12 33.52
CA GLU D 140 13.33 -11.12 32.44
C GLU D 140 14.54 -11.95 32.86
N PHE D 141 15.24 -12.51 31.87
CA PHE D 141 16.38 -13.38 32.13
C PHE D 141 17.49 -13.09 31.13
N ASP D 142 18.73 -13.26 31.58
CA ASP D 142 19.89 -13.01 30.73
C ASP D 142 20.20 -14.21 29.85
N ASN D 143 19.91 -15.43 30.32
CA ASN D 143 20.17 -16.65 29.57
C ASN D 143 19.14 -17.70 29.99
N LYS D 144 19.22 -18.87 29.37
CA LYS D 144 18.20 -19.90 29.58
C LYS D 144 18.38 -20.67 30.88
N SER D 145 19.60 -20.71 31.43
CA SER D 145 19.80 -21.44 32.67
C SER D 145 19.04 -20.81 33.83
N GLU D 146 18.99 -19.48 33.88
CA GLU D 146 18.22 -18.79 34.92
C GLU D 146 16.73 -19.10 34.80
N LEU D 147 16.22 -19.25 33.57
CA LEU D 147 14.83 -19.57 33.38
C LEU D 147 14.48 -20.94 33.95
N GLN D 148 15.39 -21.91 33.80
CA GLN D 148 15.15 -23.25 34.33
C GLN D 148 14.96 -23.21 35.83
N ILE D 149 15.79 -22.43 36.53
CA ILE D 149 15.67 -22.33 37.98
C ILE D 149 14.31 -21.76 38.37
N TYR D 150 13.82 -20.80 37.59
CA TYR D 150 12.56 -20.13 37.94
C TYR D 150 11.37 -21.06 37.77
N ILE D 151 11.37 -21.88 36.72
CA ILE D 151 10.25 -22.77 36.44
C ILE D 151 10.12 -23.83 37.53
N GLY D 163 -2.85 -12.62 39.87
CA GLY D 163 -3.52 -13.37 38.81
C GLY D 163 -2.98 -13.12 37.41
N TYR D 164 -3.88 -12.77 36.49
CA TYR D 164 -3.50 -12.54 35.10
C TYR D 164 -2.89 -11.15 34.92
N GLY D 165 -1.91 -11.06 34.05
CA GLY D 165 -1.29 -9.78 33.71
C GLY D 165 -0.77 -9.80 32.29
N ALA D 166 -0.55 -8.61 31.76
CA ALA D 166 -0.03 -8.44 30.40
C ALA D 166 1.06 -7.39 30.40
N ILE D 167 2.11 -7.64 29.61
CA ILE D 167 3.25 -6.73 29.49
C ILE D 167 3.53 -6.52 28.01
N LEU D 168 3.67 -5.27 27.60
CA LEU D 168 4.03 -4.92 26.23
C LEU D 168 5.48 -4.46 26.24
N TYR D 169 6.38 -5.36 25.84
CA TYR D 169 7.81 -5.05 25.81
C TYR D 169 8.19 -4.32 24.54
N HIS D 170 9.26 -3.54 24.63
CA HIS D 170 9.75 -2.77 23.49
C HIS D 170 11.20 -2.39 23.74
N VAL D 171 11.90 -2.08 22.65
CA VAL D 171 13.27 -1.58 22.70
C VAL D 171 13.25 -0.24 21.97
N ASN D 172 13.26 0.85 22.73
CA ASN D 172 13.18 2.21 22.19
C ASN D 172 11.97 2.34 21.25
N LYS D 173 10.83 1.87 21.73
CA LYS D 173 9.53 1.87 21.05
C LYS D 173 9.48 0.92 19.86
N LYS D 174 10.49 0.07 19.67
CA LYS D 174 10.53 -0.87 18.57
C LYS D 174 10.32 -2.28 19.07
N ASN D 175 10.00 -3.18 18.12
CA ASN D 175 9.88 -4.61 18.38
C ASN D 175 8.83 -4.90 19.45
N ALA D 176 7.61 -4.41 19.21
CA ALA D 176 6.51 -4.63 20.14
C ALA D 176 6.34 -6.12 20.42
N GLN D 177 6.35 -6.47 21.71
CA GLN D 177 6.29 -7.86 22.15
C GLN D 177 5.29 -7.94 23.30
N LEU D 178 4.25 -8.77 23.14
CA LEU D 178 3.17 -8.87 24.10
C LEU D 178 3.31 -10.17 24.88
N ILE D 179 3.50 -10.05 26.19
CA ILE D 179 3.64 -11.20 27.09
C ILE D 179 2.38 -11.30 27.94
N LEU D 180 1.80 -12.49 28.01
CA LEU D 180 0.69 -12.78 28.90
C LEU D 180 1.13 -13.80 29.95
N HIS D 181 0.78 -13.54 31.20
CA HIS D 181 1.20 -14.38 32.30
C HIS D 181 0.09 -14.47 33.34
N ASN D 182 0.14 -15.53 34.15
CA ASN D 182 -0.87 -15.78 35.16
C ASN D 182 -0.25 -16.56 36.30
N ASN D 183 -0.39 -16.05 37.52
CA ASN D 183 0.14 -16.69 38.74
C ASN D 183 1.60 -17.08 38.57
N GLY D 184 2.39 -16.19 37.95
CA GLY D 184 3.79 -16.44 37.71
C GLY D 184 4.09 -17.40 36.59
N LEU D 185 3.07 -17.96 35.94
CA LEU D 185 3.27 -18.86 34.83
C LEU D 185 3.26 -18.09 33.51
N GLN D 186 4.07 -18.54 32.56
CA GLN D 186 4.11 -17.94 31.24
C GLN D 186 2.98 -18.51 30.38
N ILE D 187 2.27 -17.64 29.68
CA ILE D 187 1.13 -18.09 28.88
C ILE D 187 1.44 -17.98 27.40
N SER D 188 1.63 -16.76 26.91
CA SER D 188 1.92 -16.55 25.51
C SER D 188 2.92 -15.41 25.35
N ASN D 189 3.65 -15.44 24.24
CA ASN D 189 4.70 -14.47 23.93
C ASN D 189 4.55 -14.14 22.44
N SER D 190 3.91 -13.00 22.15
CA SER D 190 3.59 -12.61 20.78
C SER D 190 4.57 -11.56 20.30
N ARG D 191 5.28 -11.85 19.21
CA ARG D 191 6.15 -10.88 18.55
C ARG D 191 5.33 -10.17 17.49
N LEU D 192 4.99 -8.91 17.75
CA LEU D 192 4.16 -8.13 16.85
C LEU D 192 4.96 -7.32 15.84
N ARG D 193 6.29 -7.24 16.03
CA ARG D 193 7.23 -6.65 15.08
C ARG D 193 7.11 -5.13 14.96
N LYS D 194 5.89 -4.59 14.98
CA LYS D 194 5.68 -3.18 14.75
C LYS D 194 6.22 -2.34 15.91
N ASN D 195 6.28 -1.02 15.69
CA ASN D 195 6.62 -0.10 16.75
C ASN D 195 5.44 0.07 17.71
N VAL D 196 5.77 0.49 18.93
CA VAL D 196 4.77 0.84 19.94
C VAL D 196 4.46 2.33 19.79
N PHE D 197 3.18 2.67 19.75
CA PHE D 197 2.77 4.05 19.56
C PHE D 197 2.77 4.80 20.89
N GLY D 198 3.08 6.09 20.83
CA GLY D 198 2.94 6.97 21.98
C GLY D 198 4.27 7.34 22.60
N ASN D 199 4.18 7.80 23.85
CA ASN D 199 5.36 8.20 24.62
C ASN D 199 5.78 7.10 25.60
C10 9BG E . 11.36 8.43 -23.26
C17 9BG E . 12.81 10.68 -27.09
C24 9BG E . 10.23 14.25 -28.46
C02 9BG E . 11.80 11.25 -20.93
C04 9BG E . 12.75 12.84 -22.59
C07 9BG E . 12.09 10.48 -23.30
C08 9BG E . 11.68 10.19 -22.02
C12 9BG E . 12.15 9.23 -25.46
C14 9BG E . 13.88 9.55 -26.94
C19 9BG E . 11.68 10.21 -26.18
C23 9BG E . 9.14 13.32 -27.89
C25 9BG E . 11.06 14.87 -27.28
N34 9BG E . 9.71 17.77 -28.82
O01 9BG E . 11.46 11.03 -19.82
N03 9BG E . 12.33 12.54 -21.26
N05 9BG E . 13.28 14.14 -22.91
N06 9BG E . 12.63 11.82 -23.64
N09 9BG E . 11.24 8.93 -22.00
N11 9BG E . 11.88 9.40 -24.04
O13 9BG E . 13.75 9.22 -25.71
C15 9BG E . 15.30 10.10 -27.22
O16 9BG E . 16.20 9.02 -27.17
O18 9BG E . 12.44 10.79 -28.40
O20 9BG E . 10.49 9.72 -26.98
P21 9BG E . 9.21 10.74 -27.16
O22 9BG E . 9.77 12.07 -27.93
O26 9BG E . 12.34 14.79 -27.64
P27 9BG E . 13.60 15.32 -26.73
O28 9BG E . 13.79 16.80 -26.99
O29 9BG E . 13.35 15.14 -25.25
O30 9BG E . 14.84 14.57 -27.12
C31 9BG E . 10.51 16.35 -27.28
O32 9BG E . 11.35 17.29 -26.50
C33 9BG E . 10.47 16.61 -28.54
C35 9BG E . 10.18 18.73 -29.63
N36 9BG E . 11.34 18.86 -30.29
C37 9BG E . 11.57 19.97 -31.05
N38 9BG E . 10.63 20.94 -31.12
C39 9BG E . 9.49 20.81 -30.47
N40 9BG E . 8.66 21.98 -30.71
C41 9BG E . 9.25 19.69 -29.71
N42 9BG E . 8.20 19.32 -28.95
C43 9BG E . 8.49 18.13 -28.41
O44 9BG E . 9.73 15.24 -29.14
O45 9BG E . 8.66 11.09 -25.80
O46 9BG E . 8.15 10.11 -28.03
C10 9BG F . 12.67 -12.25 18.57
C17 9BG F . 14.96 -14.67 21.81
C24 9BG F . 12.70 -17.12 24.93
C02 9BG F . 10.99 -15.16 17.04
C04 9BG F . 12.09 -16.89 18.43
C07 9BG F . 12.65 -14.42 18.78
C08 9BG F . 11.77 -14.07 17.79
C12 9BG F . 14.16 -13.16 20.31
C14 9BG F . 16.16 -14.09 20.99
C19 9BG F . 13.77 -13.85 21.35
C23 9BG F . 11.82 -15.89 24.64
C25 9BG F . 12.67 -18.11 23.71
N34 9BG F . 11.42 -20.20 26.27
O01 9BG F . 10.22 -14.87 16.18
N03 9BG F . 11.17 -16.53 17.39
N05 9BG F . 12.29 -18.28 18.78
N06 9BG F . 12.84 -15.85 19.13
N09 9BG F . 11.79 -12.74 17.67
N11 9BG F . 13.19 -13.30 19.25
O13 9BG F . 15.61 -13.77 19.89
C15 9BG F . 17.25 -15.16 20.78
O16 9BG F . 18.42 -14.52 20.31
O18 9BG F . 15.18 -14.53 23.15
O20 9BG F . 13.25 -12.93 22.43
P21 9BG F . 12.12 -13.54 23.46
O22 9BG F . 12.67 -14.99 23.98
O26 9BG F . 13.90 -18.53 23.51
P27 9BG F . 14.32 -19.32 22.12
O28 9BG F . 14.34 -20.81 22.40
O29 9BG F . 13.33 -19.04 21.03
O30 9BG F . 15.70 -18.88 21.71
C31 9BG F . 11.75 -19.26 24.26
O32 9BG F . 11.89 -20.52 23.50
C33 9BG F . 12.24 -19.38 25.45
C35 9BG F . 11.94 -21.31 26.80
N36 9BG F . 13.16 -21.87 26.73
C37 9BG F . 13.42 -23.02 27.37
N38 9BG F . 12.45 -23.62 28.10
C39 9BG F . 11.25 -23.07 28.19
N40 9BG F . 10.40 -23.90 29.03
C41 9BG F . 10.98 -21.89 27.53
N42 9BG F . 9.87 -21.13 27.44
C43 9BG F . 10.15 -20.08 26.66
O44 9BG F . 12.26 -17.78 25.96
O45 9BG F . 11.94 -12.63 24.65
O46 9BG F . 10.82 -13.71 22.73
C10 9BG G . -13.51 -9.44 14.17
C17 9BG G . -17.31 -9.65 16.81
C24 9BG G . -16.47 -10.63 20.82
C02 9BG G . -11.99 -6.56 15.91
C04 9BG G . -13.87 -6.14 17.48
C07 9BG G . -14.01 -8.06 15.78
C08 9BG G . -12.77 -7.74 15.29
C12 9BG G . -15.70 -9.79 15.23
C14 9BG G . -17.92 -9.16 15.46
C19 9BG G . -15.90 -10.12 16.47
C23 9BG G . -15.11 -11.31 20.54
C25 9BG G . -16.31 -9.08 20.84
N34 9BG G . -16.56 -9.75 24.29
O01 9BG G . -10.92 -6.27 15.49
N03 9BG G . -12.57 -5.80 16.97
N05 9BG G . -14.46 -5.38 18.56
N06 9BG G . -14.60 -7.27 16.89
N09 9BG G . -12.48 -8.59 14.32
N11 9BG G . -14.44 -9.10 15.08
O13 9BG G . -16.91 -8.81 14.77
C15 9BG G . -18.85 -7.94 15.70
O16 9BG G . -20.18 -8.36 15.67
O18 9BG G . -18.09 -10.66 17.30
O20 9BG G . -15.75 -11.62 16.64
P21 9BG G . -15.71 -12.27 18.16
O22 9BG G . -14.83 -11.30 19.16
O26 9BG G . -17.49 -8.53 20.54
P27 9BG G . -17.67 -6.89 20.39
O28 9BG G . -16.32 -6.25 20.12
O29 9BG G . -18.62 -6.59 19.26
O30 9BG G . -18.22 -6.36 21.68
C31 9BG G . -15.95 -8.83 22.35
O32 9BG G . -16.00 -7.41 22.77
C33 9BG G . -16.87 -9.52 22.92
C35 9BG G . -17.38 -9.32 25.27
N36 9BG G . -18.54 -8.65 25.24
C37 9BG G . -19.17 -8.35 26.40
N38 9BG G . -18.62 -8.69 27.58
C39 9BG G . -17.47 -9.35 27.61
N40 9BG G . -17.10 -9.61 28.99
C41 9BG G . -16.83 -9.67 26.43
N42 9BG G . -15.68 -10.31 26.17
C43 9BG G . -15.52 -10.36 24.85
O44 9BG G . -16.89 -10.94 22.03
O45 9BG G . -15.14 -13.66 18.12
O46 9BG G . -17.13 -12.35 18.69
#